data_8YIV
#
_entry.id   8YIV
#
_cell.length_a   71.144
_cell.length_b   133.223
_cell.length_c   222.468
_cell.angle_alpha   90.00
_cell.angle_beta   90.00
_cell.angle_gamma   90.00
#
_symmetry.space_group_name_H-M   'C 2 2 21'
#
loop_
_entity.id
_entity.type
_entity.pdbx_description
1 polymer 'MHC class I antigen'
2 polymer ILE-LEU-ASP-THR-ALA-GLY-LYS-GLU-GLU-TYR
3 polymer Beta-2-microglobulin
4 polymer 'TCR ALPHA'
5 polymer 'TCR beta'
6 non-polymer GLYCEROL
7 non-polymer 1,2-ETHANEDIOL
8 water water
#
loop_
_entity_poly.entity_id
_entity_poly.type
_entity_poly.pdbx_seq_one_letter_code
_entity_poly.pdbx_strand_id
1 'polypeptide(L)'
;MGSHSMRYFFTSVSRPGRGEPRFIAVGYVDDTQFVRFDSDAASQKMEPRAPWIEQEGPEYWDQETRNMKAHSQTDRANLG
TLRGYYNQSEDGSHTIQIMYGCDVGPDGRFLRGYRQDAYDGKDYIALNEDLRSWTAADMAAQITKRKWEAVHAAEQRRVY
LEGRCVDGLRRYLENGKETLQRTDPPKTHMTHHPISDHEATLRCWALGFYPAEITLTWQRDGEDQTQDTELVETRPAGDG
TFQKWAAVVVPSGEEQRYTCHVQHEGLPKPLTLRWE
;
A
2 'polypeptide(L)' ILDTAGKEEY C
3 'polypeptide(L)'
;MIQRTPKIQVYSRHPAENGKSNFLNCYVSGFHPSDIEVDLLKNGERIEKVEHSDLSFSKDWSFYLLYYTEFTPTEKDEYA
CRVNHVTLSQPKIVKWDRDM
;
B
4 'polypeptide(L)'
;MAQKVTQAQSSVSMPVRKAVTLNCLYETSWWSYYIFWYKQLPSKEMIFLIRQGSDEQNAKSGRYSVNFKKAAKSVALTIS
ALQLEDSAKYFCALGDTAGKSTFGDGTTLTVKPNIQNPDPAVYQLRDSKSSDKSVCLFTDFDSQTNVSQSKDSDVYITDK
CVLDMRSMDFKSNSAVAWSNKSDFACANAFNNSIIPEDTFFPSPESS
;
D
5 'polypeptide(L)'
;MEAQVTQNPRYLITVTGKKLTVTCSQNMNHEYMSWYRQDPGLGLRQIYYSMNVEVTDKGDVPEGYKVSRKEKRNFPLILE
SPSPNQTSLYFCASSLVSTPLPKETQYFGPGTRLLVLEDLKNVFPPEVAVFEPSEAEISHTQKATLVCLATGFYPDHVEL
SWWVNGKEVHSGVCTDPQPLKEQPALNDSRYALSSRLRVSATFWQNPRNHFRCQVQFYGLSENDEWTQDRAKPVTQIVSA
EAWGRAD
;
E
#
# COMPACT_ATOMS: atom_id res chain seq x y z
N GLY A 2 18.82 19.90 20.78
CA GLY A 2 17.41 20.17 20.98
C GLY A 2 16.56 19.21 20.20
N SER A 3 16.73 17.93 20.49
CA SER A 3 16.10 16.86 19.74
C SER A 3 14.59 16.85 19.96
N HIS A 4 13.89 16.09 19.12
CA HIS A 4 12.45 15.94 19.23
C HIS A 4 12.07 14.49 18.94
N SER A 5 10.81 14.18 19.24
CA SER A 5 10.34 12.80 19.20
C SER A 5 8.93 12.72 18.64
N MET A 6 8.67 11.61 17.95
CA MET A 6 7.31 11.18 17.64
C MET A 6 7.10 9.78 18.18
N ARG A 7 5.99 9.54 18.87
CA ARG A 7 5.73 8.25 19.50
C ARG A 7 4.24 7.92 19.36
N TYR A 8 3.91 6.69 19.08
CA TYR A 8 2.54 6.18 19.09
C TYR A 8 2.43 5.12 20.20
N PHE A 9 1.33 5.15 20.94
CA PHE A 9 1.09 4.23 22.06
C PHE A 9 -0.22 3.49 21.80
N PHE A 10 -0.15 2.17 21.65
CA PHE A 10 -1.32 1.36 21.36
C PHE A 10 -1.65 0.48 22.56
N THR A 11 -2.95 0.39 22.87
CA THR A 11 -3.46 -0.47 23.93
C THR A 11 -4.67 -1.24 23.40
N SER A 12 -4.54 -2.58 23.36
CA SER A 12 -5.62 -3.48 22.97
C SER A 12 -5.94 -4.45 24.10
N VAL A 13 -7.22 -4.50 24.48
CA VAL A 13 -7.65 -5.19 25.69
C VAL A 13 -8.83 -6.09 25.33
N SER A 14 -8.69 -7.39 25.58
CA SER A 14 -9.82 -8.30 25.44
C SER A 14 -10.77 -8.16 26.63
N ARG A 15 -12.05 -8.34 26.34
CA ARG A 15 -13.12 -8.15 27.31
C ARG A 15 -14.02 -9.37 27.20
N PRO A 16 -13.62 -10.49 27.82
CA PRO A 16 -14.48 -11.69 27.79
C PRO A 16 -15.76 -11.43 28.57
N GLY A 17 -16.89 -11.48 27.87
CA GLY A 17 -18.15 -11.10 28.45
C GLY A 17 -18.75 -9.80 27.97
N ARG A 18 -18.11 -9.13 27.00
CA ARG A 18 -18.41 -7.71 26.61
C ARG A 18 -17.96 -7.46 25.16
N GLY A 19 -18.43 -8.24 24.20
CA GLY A 19 -18.09 -7.96 22.82
C GLY A 19 -16.61 -8.04 22.48
N GLU A 20 -16.27 -7.39 21.35
CA GLU A 20 -14.91 -7.39 20.85
C GLU A 20 -13.97 -6.67 21.82
N PRO A 21 -12.67 -6.76 21.61
CA PRO A 21 -11.73 -5.99 22.41
C PRO A 21 -11.92 -4.49 22.22
N ARG A 22 -11.33 -3.74 23.13
CA ARG A 22 -11.20 -2.29 22.94
C ARG A 22 -9.80 -1.97 22.41
N PHE A 23 -9.73 -1.16 21.36
CA PHE A 23 -8.48 -0.74 20.72
C PHE A 23 -8.33 0.76 20.89
N ILE A 24 -7.23 1.18 21.51
CA ILE A 24 -6.96 2.59 21.72
C ILE A 24 -5.55 2.86 21.21
N ALA A 25 -5.36 4.06 20.65
CA ALA A 25 -4.04 4.46 20.21
C ALA A 25 -3.96 5.97 20.42
N VAL A 26 -2.79 6.44 20.84
CA VAL A 26 -2.57 7.87 20.91
C VAL A 26 -1.20 8.16 20.30
N GLY A 27 -1.10 9.32 19.67
CA GLY A 27 0.16 9.76 19.09
C GLY A 27 0.65 11.06 19.77
N TYR A 28 1.95 11.13 19.99
CA TYR A 28 2.58 12.29 20.62
C TYR A 28 3.69 12.84 19.74
N VAL A 29 3.88 14.16 19.79
CA VAL A 29 5.13 14.79 19.38
C VAL A 29 5.74 15.40 20.64
N ASP A 30 6.92 14.91 21.02
CA ASP A 30 7.51 15.30 22.30
C ASP A 30 6.51 14.95 23.39
N ASP A 31 6.14 15.89 24.28
CA ASP A 31 5.18 15.64 25.34
C ASP A 31 3.82 16.24 25.04
N THR A 32 3.51 16.40 23.75
CA THR A 32 2.23 16.96 23.30
C THR A 32 1.53 15.88 22.49
N GLN A 33 0.32 15.52 22.91
CA GLN A 33 -0.50 14.58 22.16
C GLN A 33 -1.17 15.29 21.00
N PHE A 34 -1.34 14.57 19.89
CA PHE A 34 -1.98 15.19 18.72
C PHE A 34 -3.05 14.36 18.05
N VAL A 35 -3.07 13.03 18.20
CA VAL A 35 -4.15 12.21 17.68
C VAL A 35 -4.58 11.15 18.68
N ARG A 36 -5.77 10.61 18.45
CA ARG A 36 -6.32 9.55 19.29
C ARG A 36 -7.25 8.68 18.45
N PHE A 37 -7.33 7.40 18.84
CA PHE A 37 -8.32 6.49 18.30
C PHE A 37 -8.84 5.65 19.47
N ASP A 38 -10.17 5.45 19.50
CA ASP A 38 -10.83 4.65 20.53
C ASP A 38 -11.99 3.92 19.85
N SER A 39 -11.85 2.61 19.68
CA SER A 39 -12.89 1.80 19.05
C SER A 39 -14.21 1.81 19.82
N ASP A 40 -14.23 2.29 21.06
CA ASP A 40 -15.51 2.40 21.75
C ASP A 40 -16.27 3.66 21.34
N ALA A 41 -15.56 4.69 20.88
CA ALA A 41 -16.18 5.97 20.56
C ALA A 41 -17.04 5.83 19.30
N ALA A 42 -17.90 6.81 19.09
CA ALA A 42 -18.85 6.70 17.98
C ALA A 42 -18.19 6.98 16.64
N SER A 43 -17.15 7.83 16.63
CA SER A 43 -16.49 8.20 15.38
C SER A 43 -16.06 6.97 14.58
N GLN A 44 -15.37 6.03 15.23
CA GLN A 44 -14.62 4.97 14.57
C GLN A 44 -13.51 5.51 13.67
N LYS A 45 -13.07 6.75 13.96
CA LYS A 45 -12.09 7.47 13.16
C LYS A 45 -10.93 7.93 14.03
N MET A 46 -9.74 8.00 13.45
CA MET A 46 -8.66 8.76 14.07
C MET A 46 -9.12 10.21 14.19
N GLU A 47 -8.82 10.83 15.33
CA GLU A 47 -9.34 12.16 15.61
C GLU A 47 -8.19 13.08 16.04
N PRO A 48 -8.30 14.38 15.77
CA PRO A 48 -7.25 15.30 16.15
C PRO A 48 -7.37 15.69 17.62
N ARG A 49 -6.21 15.92 18.24
CA ARG A 49 -6.14 16.35 19.63
C ARG A 49 -5.17 17.52 19.83
N ALA A 50 -4.65 18.11 18.75
CA ALA A 50 -3.89 19.36 18.79
C ALA A 50 -4.35 20.23 17.63
N PRO A 51 -4.33 21.55 17.81
CA PRO A 51 -4.86 22.43 16.75
C PRO A 51 -4.03 22.38 15.47
N TRP A 52 -2.72 22.13 15.57
CA TRP A 52 -1.87 22.16 14.37
C TRP A 52 -1.96 20.90 13.53
N ILE A 53 -2.67 19.86 13.98
CA ILE A 53 -2.97 18.72 13.11
C ILE A 53 -4.33 18.83 12.45
N GLU A 54 -5.20 19.73 12.93
CA GLU A 54 -6.51 19.92 12.33
C GLU A 54 -6.40 20.39 10.88
N GLN A 55 -5.21 20.87 10.50
CA GLN A 55 -4.96 21.26 9.12
C GLN A 55 -5.13 20.08 8.18
N GLU A 56 -4.62 18.92 8.58
CA GLU A 56 -4.62 17.73 7.74
C GLU A 56 -5.98 17.54 7.09
N GLY A 57 -5.97 17.22 5.78
CA GLY A 57 -7.19 17.08 5.03
C GLY A 57 -7.88 15.74 5.25
N PRO A 58 -9.02 15.56 4.57
CA PRO A 58 -9.85 14.38 4.84
C PRO A 58 -9.18 13.09 4.46
N GLU A 59 -8.21 13.15 3.57
CA GLU A 59 -7.52 11.92 3.15
C GLU A 59 -6.54 11.45 4.20
N TYR A 60 -5.90 12.37 4.89
CA TYR A 60 -5.05 11.97 6.00
C TYR A 60 -5.87 11.20 7.03
N TRP A 61 -6.99 11.79 7.46
CA TRP A 61 -7.83 11.14 8.46
C TRP A 61 -8.32 9.80 7.96
N ASP A 62 -8.71 9.71 6.69
CA ASP A 62 -9.18 8.41 6.19
C ASP A 62 -8.06 7.39 6.18
N GLN A 63 -6.88 7.78 5.72
CA GLN A 63 -5.73 6.88 5.71
C GLN A 63 -5.31 6.45 7.11
N GLU A 64 -5.31 7.38 8.08
CA GLU A 64 -4.91 6.99 9.44
C GLU A 64 -5.93 6.03 10.03
N THR A 65 -7.20 6.27 9.75
CA THR A 65 -8.26 5.38 10.23
C THR A 65 -8.10 3.98 9.65
N ARG A 66 -7.74 3.87 8.36
CA ARG A 66 -7.59 2.57 7.74
C ARG A 66 -6.39 1.82 8.32
N ASN A 67 -5.26 2.50 8.53
CA ASN A 67 -4.14 1.85 9.19
C ASN A 67 -4.47 1.45 10.63
N MET A 68 -5.32 2.24 11.34
CA MET A 68 -5.72 1.85 12.70
C MET A 68 -6.61 0.62 12.68
N LYS A 69 -7.57 0.59 11.74
CA LYS A 69 -8.49 -0.55 11.59
C LYS A 69 -7.73 -1.82 11.30
N ALA A 70 -6.68 -1.73 10.48
CA ALA A 70 -5.89 -2.91 10.15
C ALA A 70 -5.04 -3.33 11.34
N HIS A 71 -4.41 -2.37 12.02
CA HIS A 71 -3.67 -2.66 13.25
C HIS A 71 -4.56 -3.39 14.27
N SER A 72 -5.80 -2.92 14.45
CA SER A 72 -6.68 -3.51 15.45
C SER A 72 -7.04 -4.94 15.12
N GLN A 73 -7.25 -5.25 13.83
CA GLN A 73 -7.56 -6.62 13.45
C GLN A 73 -6.39 -7.55 13.76
N THR A 74 -5.16 -7.08 13.53
CA THR A 74 -3.97 -7.85 13.88
C THR A 74 -3.81 -7.99 15.39
N ASP A 75 -4.19 -6.95 16.14
CA ASP A 75 -4.12 -7.07 17.59
C ASP A 75 -5.14 -8.09 18.08
N ARG A 76 -6.33 -8.07 17.47
CA ARG A 76 -7.37 -9.06 17.78
C ARG A 76 -6.83 -10.48 17.56
N ALA A 77 -6.27 -10.74 16.40
CA ALA A 77 -5.69 -12.05 16.14
C ALA A 77 -4.55 -12.34 17.12
N ASN A 78 -3.79 -11.32 17.48
CA ASN A 78 -2.61 -11.53 18.32
C ASN A 78 -3.02 -11.88 19.75
N LEU A 79 -4.14 -11.35 20.22
CA LEU A 79 -4.66 -11.73 21.52
C LEU A 79 -5.02 -13.22 21.54
N GLY A 80 -5.61 -13.72 20.46
CA GLY A 80 -5.91 -15.14 20.39
C GLY A 80 -4.66 -15.99 20.36
N THR A 81 -3.69 -15.61 19.55
CA THR A 81 -2.46 -16.38 19.44
C THR A 81 -1.76 -16.49 20.78
N LEU A 82 -1.64 -15.36 21.49
CA LEU A 82 -0.91 -15.40 22.75
C LEU A 82 -1.66 -16.22 23.79
N ARG A 83 -2.98 -16.08 23.83
CA ARG A 83 -3.79 -16.94 24.69
C ARG A 83 -3.38 -18.39 24.49
N GLY A 84 -3.25 -18.83 23.23
CA GLY A 84 -2.83 -20.19 22.97
C GLY A 84 -1.40 -20.45 23.39
N TYR A 85 -0.49 -19.52 23.10
CA TYR A 85 0.89 -19.68 23.50
C TYR A 85 1.03 -19.95 25.00
N TYR A 86 0.26 -19.24 25.83
CA TYR A 86 0.42 -19.28 27.27
C TYR A 86 -0.65 -20.12 27.97
N ASN A 87 -1.46 -20.85 27.19
CA ASN A 87 -2.47 -21.77 27.72
C ASN A 87 -3.43 -21.07 28.68
N GLN A 88 -3.82 -19.86 28.30
CA GLN A 88 -4.81 -19.05 28.96
C GLN A 88 -6.19 -19.36 28.42
N SER A 89 -7.21 -18.68 28.92
CA SER A 89 -8.56 -19.01 28.52
C SER A 89 -9.27 -17.81 27.90
N GLU A 90 -10.33 -18.11 27.16
CA GLU A 90 -11.15 -17.04 26.59
C GLU A 90 -11.93 -16.30 27.65
N ASP A 91 -11.93 -16.77 28.89
CA ASP A 91 -12.61 -16.06 29.97
C ASP A 91 -11.74 -14.96 30.57
N GLY A 92 -10.43 -14.98 30.34
CA GLY A 92 -9.56 -13.96 30.88
C GLY A 92 -9.47 -12.72 30.01
N SER A 93 -9.29 -11.58 30.67
CA SER A 93 -9.02 -10.33 30.00
C SER A 93 -7.51 -10.15 29.88
N HIS A 94 -7.04 -9.83 28.68
CA HIS A 94 -5.61 -9.62 28.46
C HIS A 94 -5.34 -8.35 27.67
N THR A 95 -4.07 -7.93 27.71
CA THR A 95 -3.69 -6.62 27.24
C THR A 95 -2.44 -6.73 26.37
N ILE A 96 -2.52 -6.16 25.17
CA ILE A 96 -1.35 -5.98 24.32
C ILE A 96 -1.09 -4.50 24.23
N GLN A 97 0.16 -4.10 24.43
CA GLN A 97 0.57 -2.71 24.32
C GLN A 97 1.72 -2.63 23.35
N ILE A 98 1.71 -1.57 22.56
CA ILE A 98 2.76 -1.32 21.57
C ILE A 98 3.16 0.15 21.66
N MET A 99 4.48 0.40 21.64
CA MET A 99 5.03 1.74 21.47
C MET A 99 6.05 1.69 20.35
N TYR A 100 5.96 2.63 19.40
CA TYR A 100 7.03 2.82 18.43
C TYR A 100 7.14 4.31 18.14
N GLY A 101 8.28 4.70 17.57
CA GLY A 101 8.48 6.07 17.15
C GLY A 101 9.94 6.36 16.88
N CYS A 102 10.20 7.63 16.56
CA CYS A 102 11.52 8.05 16.15
C CYS A 102 11.93 9.35 16.83
N ASP A 103 13.24 9.54 16.98
CA ASP A 103 13.83 10.80 17.43
C ASP A 103 14.62 11.45 16.31
N VAL A 104 14.55 12.79 16.22
CA VAL A 104 15.37 13.56 15.30
C VAL A 104 16.14 14.65 16.04
N GLY A 105 17.37 14.91 15.60
CA GLY A 105 18.15 16.05 16.05
C GLY A 105 17.50 17.40 15.77
N PRO A 106 18.18 18.49 16.15
CA PRO A 106 17.60 19.83 15.92
C PRO A 106 17.51 20.21 14.45
N ASP A 107 18.36 19.61 13.60
CA ASP A 107 18.30 19.81 12.15
C ASP A 107 17.16 19.05 11.48
N GLY A 108 16.43 18.23 12.22
CA GLY A 108 15.40 17.39 11.65
C GLY A 108 15.86 16.03 11.17
N ARG A 109 17.07 15.61 11.50
CA ARG A 109 17.62 14.39 10.95
C ARG A 109 17.53 13.24 11.95
N PHE A 110 17.29 12.04 11.42
CA PHE A 110 17.07 10.85 12.23
C PHE A 110 18.23 10.58 13.18
N LEU A 111 17.89 10.42 14.46
CA LEU A 111 18.84 9.98 15.47
C LEU A 111 18.65 8.50 15.83
N ARG A 112 17.41 8.10 16.11
CA ARG A 112 17.15 6.74 16.58
C ARG A 112 15.68 6.40 16.39
N GLY A 113 15.41 5.10 16.37
CA GLY A 113 14.06 4.61 16.26
C GLY A 113 13.76 3.54 17.27
N TYR A 114 12.49 3.26 17.56
CA TYR A 114 12.12 2.29 18.56
C TYR A 114 10.84 1.61 18.13
N ARG A 115 10.70 0.38 18.55
CA ARG A 115 9.48 -0.41 18.51
C ARG A 115 9.56 -1.49 19.59
N GLN A 116 8.53 -1.54 20.45
CA GLN A 116 8.51 -2.48 21.57
C GLN A 116 7.08 -2.91 21.83
N ASP A 117 6.90 -4.19 22.15
CA ASP A 117 5.59 -4.81 22.31
C ASP A 117 5.53 -5.48 23.68
N ALA A 118 4.36 -5.38 24.33
CA ALA A 118 4.21 -5.97 25.66
C ALA A 118 2.88 -6.71 25.77
N TYR A 119 2.89 -7.76 26.60
CA TYR A 119 1.71 -8.57 26.87
C TYR A 119 1.49 -8.59 28.37
N ASP A 120 0.27 -8.17 28.78
CA ASP A 120 -0.14 -8.06 30.19
C ASP A 120 0.89 -7.28 31.02
N GLY A 121 1.35 -6.16 30.47
CA GLY A 121 2.20 -5.25 31.20
C GLY A 121 3.66 -5.63 31.26
N LYS A 122 4.08 -6.64 30.52
CA LYS A 122 5.48 -7.06 30.52
C LYS A 122 6.03 -7.17 29.10
N ASP A 123 7.30 -6.83 28.95
CA ASP A 123 7.99 -6.99 27.68
C ASP A 123 7.62 -8.31 27.00
N TYR A 124 7.31 -8.23 25.71
CA TYR A 124 7.13 -9.43 24.89
C TYR A 124 8.21 -9.53 23.81
N ILE A 125 8.25 -8.59 22.88
CA ILE A 125 9.31 -8.55 21.90
C ILE A 125 9.65 -7.09 21.64
N ALA A 126 10.92 -6.85 21.31
CA ALA A 126 11.38 -5.48 21.08
C ALA A 126 12.34 -5.41 19.89
N LEU A 127 12.23 -4.35 19.12
CA LEU A 127 13.23 -4.08 18.10
C LEU A 127 14.47 -3.51 18.77
N ASN A 128 15.63 -4.06 18.44
CA ASN A 128 16.88 -3.61 19.03
C ASN A 128 17.31 -2.28 18.44
N GLU A 129 18.27 -1.64 19.13
CA GLU A 129 18.72 -0.30 18.74
C GLU A 129 19.15 -0.24 17.29
N ASP A 130 19.75 -1.31 16.77
CA ASP A 130 20.24 -1.29 15.40
C ASP A 130 19.12 -1.37 14.36
N LEU A 131 17.88 -1.58 14.78
CA LEU A 131 16.74 -1.64 13.88
C LEU A 131 16.87 -2.75 12.85
N ARG A 132 17.58 -3.80 13.23
CA ARG A 132 17.92 -4.91 12.36
C ARG A 132 17.67 -6.26 13.01
N SER A 133 17.34 -6.43 14.29
CA SER A 133 17.31 -7.68 15.04
C SER A 133 16.37 -7.45 16.22
N TRP A 134 15.92 -8.53 16.76
CA TRP A 134 14.88 -8.54 17.79
C TRP A 134 15.38 -9.21 19.06
N THR A 135 14.84 -8.73 20.20
CA THR A 135 14.99 -9.35 21.51
C THR A 135 13.65 -9.92 21.95
N ALA A 136 13.59 -11.23 22.15
CA ALA A 136 12.38 -11.91 22.58
C ALA A 136 12.45 -12.15 24.08
N ALA A 137 11.38 -11.79 24.80
CA ALA A 137 11.46 -11.80 26.26
C ALA A 137 11.32 -13.19 26.88
N ASP A 138 10.79 -14.16 26.14
CA ASP A 138 10.52 -15.50 26.68
C ASP A 138 10.31 -16.44 25.50
N MET A 139 9.89 -17.68 25.77
CA MET A 139 9.92 -18.72 24.73
C MET A 139 8.82 -18.52 23.70
N ALA A 140 7.64 -18.07 24.14
CA ALA A 140 6.57 -17.74 23.20
C ALA A 140 7.02 -16.65 22.24
N ALA A 141 7.62 -15.58 22.78
CA ALA A 141 8.06 -14.47 21.93
C ALA A 141 9.13 -14.92 20.95
N GLN A 142 9.89 -15.95 21.29
CA GLN A 142 10.87 -16.50 20.34
C GLN A 142 10.19 -17.10 19.10
N ILE A 143 8.97 -17.63 19.25
CA ILE A 143 8.21 -18.06 18.09
C ILE A 143 7.93 -16.88 17.18
N THR A 144 7.44 -15.79 17.77
CA THR A 144 7.23 -14.55 17.04
C THR A 144 8.52 -14.06 16.39
N LYS A 145 9.65 -14.16 17.10
CA LYS A 145 10.92 -13.70 16.54
C LYS A 145 11.24 -14.41 15.23
N ARG A 146 11.06 -15.73 15.20
CA ARG A 146 11.37 -16.49 14.00
C ARG A 146 10.46 -16.11 12.85
N LYS A 147 9.17 -15.91 13.14
CA LYS A 147 8.26 -15.45 12.11
C LYS A 147 8.70 -14.11 11.56
N TRP A 148 9.10 -13.20 12.46
CA TRP A 148 9.36 -11.82 12.05
C TRP A 148 10.65 -11.74 11.24
N GLU A 149 11.65 -12.52 11.61
CA GLU A 149 12.86 -12.63 10.80
C GLU A 149 12.52 -13.14 9.41
N ALA A 150 11.68 -14.19 9.34
CA ALA A 150 11.37 -14.80 8.06
C ALA A 150 10.70 -13.84 7.09
N VAL A 151 9.98 -12.82 7.58
CA VAL A 151 9.31 -11.87 6.68
C VAL A 151 10.02 -10.53 6.64
N HIS A 152 11.22 -10.44 7.23
CA HIS A 152 12.00 -9.21 7.32
C HIS A 152 11.17 -8.06 7.86
N ALA A 153 10.49 -8.32 8.97
CA ALA A 153 9.79 -7.26 9.69
C ALA A 153 10.73 -6.16 10.14
N ALA A 154 11.95 -6.51 10.54
CA ALA A 154 12.86 -5.49 11.09
C ALA A 154 13.10 -4.38 10.08
N GLU A 155 13.45 -4.75 8.85
CA GLU A 155 13.62 -3.76 7.79
C GLU A 155 12.33 -3.01 7.54
N GLN A 156 11.19 -3.71 7.68
CA GLN A 156 9.90 -3.06 7.47
C GLN A 156 9.69 -1.95 8.49
N ARG A 157 10.02 -2.20 9.77
CA ARG A 157 9.96 -1.13 10.77
C ARG A 157 11.01 -0.06 10.51
N ARG A 158 12.24 -0.48 10.23
CA ARG A 158 13.33 0.48 10.04
C ARG A 158 13.01 1.46 8.92
N VAL A 159 12.42 0.98 7.83
CA VAL A 159 12.10 1.88 6.73
C VAL A 159 11.10 2.92 7.18
N TYR A 160 10.15 2.52 8.01
CA TYR A 160 9.23 3.52 8.55
C TYR A 160 9.93 4.50 9.49
N LEU A 161 10.75 3.96 10.39
CA LEU A 161 11.33 4.76 11.48
C LEU A 161 12.35 5.78 10.96
N GLU A 162 13.23 5.34 10.04
CA GLU A 162 14.20 6.20 9.39
C GLU A 162 13.59 7.08 8.31
N GLY A 163 12.33 6.84 7.91
CA GLY A 163 11.76 7.49 6.73
C GLY A 163 10.47 8.24 6.95
N ARG A 164 9.33 7.55 6.85
CA ARG A 164 8.04 8.20 7.05
C ARG A 164 7.95 8.86 8.43
N CYS A 165 8.47 8.23 9.47
CA CYS A 165 8.37 8.79 10.82
C CYS A 165 9.09 10.14 10.89
N VAL A 166 10.34 10.16 10.39
CA VAL A 166 11.12 11.41 10.37
C VAL A 166 10.38 12.46 9.56
N ASP A 167 9.83 12.06 8.40
CA ASP A 167 9.20 13.05 7.53
C ASP A 167 7.96 13.64 8.17
N GLY A 168 7.14 12.80 8.80
CA GLY A 168 5.97 13.34 9.46
C GLY A 168 6.34 14.23 10.63
N LEU A 169 7.31 13.79 11.42
CA LEU A 169 7.75 14.59 12.57
C LEU A 169 8.20 15.98 12.12
N ARG A 170 8.98 16.05 11.03
CA ARG A 170 9.37 17.34 10.47
C ARG A 170 8.15 18.20 10.15
N ARG A 171 7.20 17.62 9.39
CA ARG A 171 6.03 18.39 8.99
C ARG A 171 5.26 18.90 10.21
N TYR A 172 5.05 18.04 11.21
CA TYR A 172 4.26 18.48 12.36
C TYR A 172 4.97 19.57 13.14
N LEU A 173 6.29 19.46 13.31
CA LEU A 173 7.06 20.50 14.00
C LEU A 173 6.94 21.84 13.30
N GLU A 174 7.06 21.85 11.96
CA GLU A 174 6.81 23.08 11.21
C GLU A 174 5.40 23.58 11.44
N ASN A 175 4.40 22.74 11.17
CA ASN A 175 3.01 23.21 11.19
C ASN A 175 2.60 23.67 12.59
N GLY A 176 3.19 23.09 13.62
CA GLY A 176 2.90 23.53 14.98
C GLY A 176 4.05 24.26 15.63
N LYS A 177 4.88 24.92 14.81
CA LYS A 177 6.16 25.45 15.28
C LYS A 177 6.01 26.32 16.52
N GLU A 178 4.94 27.11 16.57
CA GLU A 178 4.80 28.06 17.67
C GLU A 178 4.84 27.36 19.02
N THR A 179 4.11 26.25 19.15
CA THR A 179 3.91 25.62 20.44
C THR A 179 4.87 24.47 20.70
N LEU A 180 5.25 23.75 19.66
CA LEU A 180 6.13 22.60 19.84
C LEU A 180 7.58 23.02 20.07
N GLN A 181 8.00 24.18 19.58
CA GLN A 181 9.39 24.56 19.71
C GLN A 181 9.67 25.39 20.98
N ARG A 182 8.72 25.46 21.90
CA ARG A 182 8.85 26.23 23.13
C ARG A 182 9.52 25.41 24.23
N THR A 183 10.28 26.09 25.09
CA THR A 183 10.78 25.54 26.35
C THR A 183 10.35 26.49 27.46
N ASP A 184 9.45 26.03 28.34
CA ASP A 184 8.98 26.85 29.46
C ASP A 184 9.75 26.43 30.70
N PRO A 185 10.61 27.30 31.27
CA PRO A 185 11.38 26.89 32.46
C PRO A 185 10.47 26.79 33.67
N PRO A 186 10.88 26.04 34.70
CA PRO A 186 10.01 25.84 35.85
C PRO A 186 10.00 27.05 36.77
N LYS A 187 8.80 27.42 37.21
CA LYS A 187 8.67 28.37 38.32
C LYS A 187 8.75 27.59 39.63
N THR A 188 9.69 27.95 40.49
CA THR A 188 10.03 27.14 41.64
C THR A 188 9.76 27.87 42.95
N HIS A 189 9.46 27.11 44.00
CA HIS A 189 9.30 27.63 45.36
C HIS A 189 9.42 26.46 46.33
N MET A 190 9.36 26.79 47.61
CA MET A 190 9.59 25.79 48.65
C MET A 190 8.61 25.99 49.80
N THR A 191 8.01 24.91 50.28
CA THR A 191 7.11 24.99 51.41
C THR A 191 7.74 24.28 52.62
N HIS A 192 7.17 24.56 53.80
CA HIS A 192 7.73 24.10 55.07
C HIS A 192 6.57 23.69 55.97
N HIS A 193 6.55 22.43 56.41
CA HIS A 193 5.43 21.91 57.20
C HIS A 193 5.95 21.19 58.44
N PRO A 194 5.81 21.76 59.63
CA PRO A 194 6.18 21.02 60.85
C PRO A 194 5.37 19.73 60.98
N ILE A 195 6.08 18.63 61.21
CA ILE A 195 5.50 17.33 61.57
C ILE A 195 5.37 17.21 63.08
N SER A 196 6.45 17.55 63.75
CA SER A 196 6.62 17.31 65.18
C SER A 196 6.85 18.67 65.83
N ASP A 197 7.50 18.66 66.99
CA ASP A 197 8.28 19.83 67.38
C ASP A 197 9.76 19.63 67.08
N HIS A 198 10.13 18.43 66.61
CA HIS A 198 11.50 18.11 66.24
C HIS A 198 11.72 17.93 64.75
N GLU A 199 10.66 17.76 63.95
CA GLU A 199 10.78 17.46 62.52
C GLU A 199 9.90 18.40 61.70
N ALA A 200 10.33 18.67 60.47
CA ALA A 200 9.52 19.41 59.53
C ALA A 200 9.77 18.88 58.11
N THR A 201 8.73 18.93 57.29
CA THR A 201 8.82 18.61 55.86
C THR A 201 9.21 19.86 55.10
N LEU A 202 10.33 19.80 54.36
CA LEU A 202 10.67 20.76 53.32
C LEU A 202 10.24 20.18 51.96
N ARG A 203 9.44 20.94 51.21
CA ARG A 203 8.98 20.49 49.89
C ARG A 203 9.41 21.49 48.83
N CYS A 204 10.11 21.00 47.81
CA CYS A 204 10.66 21.79 46.71
C CYS A 204 9.78 21.61 45.48
N TRP A 205 9.19 22.71 44.97
CA TRP A 205 8.15 22.67 43.95
C TRP A 205 8.66 23.21 42.62
N ALA A 206 8.27 22.57 41.53
CA ALA A 206 8.61 23.00 40.17
C ALA A 206 7.29 23.02 39.41
N LEU A 207 6.95 24.17 38.85
CA LEU A 207 5.65 24.33 38.20
C LEU A 207 5.81 24.96 36.82
N GLY A 208 4.83 24.67 35.96
CA GLY A 208 4.67 25.36 34.70
C GLY A 208 5.75 25.10 33.68
N PHE A 209 6.40 23.94 33.72
CA PHE A 209 7.53 23.68 32.84
C PHE A 209 7.14 22.75 31.69
N TYR A 210 7.80 22.95 30.54
CA TYR A 210 7.58 22.17 29.31
C TYR A 210 8.95 22.21 28.64
N PRO A 211 9.52 21.06 28.20
CA PRO A 211 8.94 19.71 28.31
C PRO A 211 9.10 19.09 29.72
N ALA A 212 8.57 17.87 29.84
CA ALA A 212 8.34 17.27 31.16
C ALA A 212 9.65 16.87 31.82
N GLU A 213 10.68 16.59 31.03
CA GLU A 213 11.92 16.10 31.61
C GLU A 213 12.47 17.12 32.62
N ILE A 214 12.90 16.64 33.79
CA ILE A 214 13.31 17.53 34.88
C ILE A 214 14.00 16.72 35.97
N THR A 215 14.90 17.36 36.71
CA THR A 215 15.56 16.71 37.83
C THR A 215 15.48 17.61 39.07
N LEU A 216 15.00 17.04 40.18
CA LEU A 216 14.89 17.72 41.47
C LEU A 216 15.67 16.92 42.49
N THR A 217 16.77 17.48 42.97
CA THR A 217 17.62 16.80 43.93
C THR A 217 17.78 17.63 45.22
N TRP A 218 17.85 16.94 46.35
CA TRP A 218 18.18 17.54 47.63
C TRP A 218 19.65 17.33 47.96
N GLN A 219 20.23 18.28 48.68
CA GLN A 219 21.55 18.15 49.25
C GLN A 219 21.49 18.52 50.72
N ARG A 220 22.35 17.89 51.52
CA ARG A 220 22.55 18.27 52.92
C ARG A 220 24.00 18.68 53.11
N ASP A 221 24.22 19.94 53.41
CA ASP A 221 25.60 20.47 53.58
C ASP A 221 26.39 20.20 52.30
N GLY A 222 25.75 20.32 51.14
CA GLY A 222 26.42 20.18 49.82
C GLY A 222 26.58 18.75 49.35
N GLU A 223 26.19 17.78 50.17
CA GLU A 223 26.27 16.33 49.94
C GLU A 223 24.89 15.85 49.52
N ASP A 224 24.80 15.12 48.41
CA ASP A 224 23.51 14.60 47.89
C ASP A 224 22.73 13.88 48.99
N GLN A 225 21.45 14.18 49.11
CA GLN A 225 20.59 13.59 50.19
C GLN A 225 19.75 12.49 49.59
N THR A 226 20.23 11.27 49.75
CA THR A 226 19.56 10.08 49.19
C THR A 226 18.85 9.31 50.30
N GLN A 227 18.77 9.90 51.50
CA GLN A 227 18.09 9.28 52.66
C GLN A 227 16.71 9.13 53.29
N ASP A 228 15.97 10.24 53.42
CA ASP A 228 14.49 10.37 53.43
C ASP A 228 13.97 11.38 52.39
N THR A 229 14.30 11.17 51.11
CA THR A 229 13.94 12.06 49.97
C THR A 229 12.78 11.51 49.16
N GLU A 230 11.56 11.87 49.53
CA GLU A 230 10.38 11.54 48.74
C GLU A 230 10.35 12.35 47.44
N LEU A 231 9.63 11.82 46.45
CA LEU A 231 9.67 12.34 45.08
C LEU A 231 8.49 11.82 44.28
N VAL A 232 7.57 12.69 43.87
CA VAL A 232 6.35 12.22 43.21
C VAL A 232 6.56 12.15 41.71
N GLU A 233 5.57 11.62 41.00
CA GLU A 233 5.67 11.45 39.56
C GLU A 233 5.35 12.78 38.88
N THR A 234 6.21 13.18 37.93
CA THR A 234 5.91 14.38 37.16
C THR A 234 4.49 14.29 36.64
N ARG A 235 3.76 15.37 36.77
CA ARG A 235 2.34 15.33 36.50
C ARG A 235 1.96 16.45 35.56
N PRO A 236 0.88 16.28 34.80
CA PRO A 236 0.45 17.36 33.89
C PRO A 236 -0.40 18.40 34.57
N ALA A 237 -0.15 19.67 34.21
CA ALA A 237 -1.04 20.74 34.61
C ALA A 237 -2.34 20.76 33.81
N GLY A 238 -2.34 20.16 32.61
CA GLY A 238 -3.52 20.19 31.76
C GLY A 238 -3.56 21.34 30.77
N ASP A 239 -2.67 22.30 30.89
CA ASP A 239 -2.52 23.41 29.96
C ASP A 239 -1.27 23.24 29.10
N GLY A 240 -0.75 22.03 29.02
CA GLY A 240 0.45 21.78 28.28
C GLY A 240 1.74 21.90 29.07
N THR A 241 1.68 22.19 30.37
CA THR A 241 2.87 22.23 31.21
C THR A 241 2.79 21.11 32.25
N PHE A 242 3.89 20.94 32.99
CA PHE A 242 4.04 19.89 33.98
C PHE A 242 4.47 20.45 35.33
N GLN A 243 4.35 19.60 36.34
CA GLN A 243 4.64 19.92 37.73
C GLN A 243 5.35 18.74 38.36
N LYS A 244 6.20 19.01 39.35
CA LYS A 244 6.82 17.95 40.12
C LYS A 244 7.26 18.55 41.46
N TRP A 245 7.28 17.71 42.50
CA TRP A 245 7.91 18.15 43.73
C TRP A 245 8.74 17.04 44.36
N ALA A 246 9.76 17.47 45.10
CA ALA A 246 10.61 16.61 45.92
C ALA A 246 10.57 17.12 47.35
N ALA A 247 10.41 16.21 48.32
CA ALA A 247 10.35 16.56 49.73
C ALA A 247 11.41 15.81 50.52
N VAL A 248 11.88 16.44 51.60
CA VAL A 248 12.71 15.77 52.60
C VAL A 248 12.18 16.11 53.98
N VAL A 249 12.43 15.20 54.92
CA VAL A 249 12.14 15.43 56.33
C VAL A 249 13.44 15.86 56.99
N VAL A 250 13.40 16.99 57.70
CA VAL A 250 14.62 17.55 58.27
C VAL A 250 14.43 17.77 59.77
N PRO A 251 15.50 17.75 60.55
CA PRO A 251 15.40 18.08 61.98
C PRO A 251 15.05 19.55 62.17
N SER A 252 14.00 19.81 62.95
CA SER A 252 13.56 21.18 63.18
C SER A 252 14.72 22.03 63.72
N GLY A 253 15.04 23.13 63.05
CA GLY A 253 16.20 23.93 63.36
C GLY A 253 17.35 23.79 62.38
N GLU A 254 17.36 22.73 61.57
CA GLU A 254 18.42 22.52 60.61
C GLU A 254 17.98 22.81 59.18
N GLU A 255 16.86 23.54 59.03
CA GLU A 255 16.31 23.79 57.70
C GLU A 255 17.34 24.40 56.75
N GLN A 256 18.26 25.22 57.27
CA GLN A 256 19.19 25.91 56.38
C GLN A 256 20.36 25.04 55.93
N ARG A 257 20.57 23.86 56.53
CA ARG A 257 21.57 22.94 56.00
C ARG A 257 21.17 22.30 54.68
N TYR A 258 19.96 22.55 54.19
CA TYR A 258 19.42 21.85 53.02
C TYR A 258 19.30 22.76 51.80
N THR A 259 19.58 22.21 50.63
CA THR A 259 19.37 22.91 49.38
C THR A 259 18.62 21.99 48.43
N CYS A 260 17.81 22.59 47.57
CA CYS A 260 17.10 21.90 46.51
C CYS A 260 17.66 22.39 45.18
N HIS A 261 18.03 21.45 44.30
CA HIS A 261 18.66 21.77 43.03
C HIS A 261 17.73 21.35 41.91
N VAL A 262 17.44 22.28 41.01
CA VAL A 262 16.49 22.08 39.93
C VAL A 262 17.24 22.18 38.61
N GLN A 263 17.19 21.10 37.82
CA GLN A 263 17.78 21.06 36.48
C GLN A 263 16.66 20.88 35.47
N HIS A 264 16.56 21.80 34.53
CA HIS A 264 15.58 21.71 33.45
C HIS A 264 16.20 22.29 32.19
N GLU A 265 15.65 21.86 31.05
CA GLU A 265 16.14 22.32 29.77
C GLU A 265 15.99 23.83 29.62
N GLY A 266 14.95 24.41 30.21
CA GLY A 266 14.74 25.84 30.12
C GLY A 266 15.57 26.69 31.05
N LEU A 267 16.55 26.12 31.74
CA LEU A 267 17.29 26.84 32.77
C LEU A 267 18.75 27.02 32.34
N PRO A 268 19.18 28.26 32.01
CA PRO A 268 20.58 28.51 31.63
C PRO A 268 21.58 27.72 32.47
N LYS A 269 21.45 27.76 33.79
CA LYS A 269 22.20 26.86 34.66
C LYS A 269 21.31 26.47 35.86
N PRO A 270 21.71 25.42 36.56
CA PRO A 270 20.78 24.83 37.55
C PRO A 270 20.45 25.78 38.69
N LEU A 271 19.23 25.66 39.19
CA LEU A 271 18.74 26.47 40.30
C LEU A 271 19.05 25.80 41.62
N THR A 272 19.42 26.61 42.61
CA THR A 272 19.58 26.16 43.98
C THR A 272 18.58 26.91 44.85
N LEU A 273 17.74 26.18 45.55
CA LEU A 273 16.74 26.77 46.43
C LEU A 273 17.06 26.39 47.87
N ARG A 274 16.75 27.32 48.78
CA ARG A 274 17.00 27.14 50.20
C ARG A 274 15.83 27.73 50.98
N TRP A 275 15.48 27.08 52.09
CA TRP A 275 14.46 27.62 52.99
C TRP A 275 15.10 28.72 53.82
N GLU A 276 14.72 29.95 53.56
CA GLU A 276 15.26 31.04 54.36
C GLU A 276 14.28 32.22 54.43
N ILE B 1 2.29 10.47 11.83
CA ILE B 1 1.70 9.59 10.82
C ILE B 1 2.04 8.14 11.15
N LEU B 2 1.03 7.26 11.08
CA LEU B 2 1.17 5.87 11.50
C LEU B 2 2.09 5.05 10.58
N ASP B 3 2.77 4.08 11.18
CA ASP B 3 3.36 3.02 10.38
C ASP B 3 2.24 2.20 9.74
N THR B 4 2.58 1.51 8.64
CA THR B 4 1.65 0.65 7.91
C THR B 4 1.45 -0.67 8.64
N ALA B 5 0.20 -1.02 8.93
CA ALA B 5 -0.09 -2.30 9.57
C ALA B 5 0.40 -3.43 8.69
N GLY B 6 1.31 -4.24 9.21
CA GLY B 6 1.87 -5.29 8.38
C GLY B 6 3.09 -5.93 8.98
N LYS B 7 3.28 -7.22 8.71
CA LYS B 7 4.41 -7.99 9.26
C LYS B 7 4.50 -7.92 10.78
N GLU B 8 3.34 -8.07 11.45
CA GLU B 8 3.39 -7.97 12.90
C GLU B 8 2.42 -8.93 13.59
N GLU B 9 2.12 -10.05 12.95
CA GLU B 9 1.37 -11.12 13.62
C GLU B 9 2.30 -11.90 14.54
N TYR B 10 1.82 -12.22 15.74
CA TYR B 10 2.68 -12.91 16.73
C TYR B 10 2.77 -14.40 16.45
N MET C 1 -0.36 -12.60 36.20
CA MET C 1 -0.35 -11.21 35.68
C MET C 1 0.18 -10.26 36.73
N ILE C 2 0.83 -9.19 36.28
CA ILE C 2 1.35 -8.14 37.18
C ILE C 2 0.25 -7.10 37.36
N GLN C 3 -0.21 -6.93 38.59
CA GLN C 3 -1.17 -5.89 38.90
C GLN C 3 -0.46 -4.79 39.68
N ARG C 4 -0.65 -3.56 39.24
CA ARG C 4 -0.07 -2.37 39.86
C ARG C 4 -1.19 -1.46 40.28
N THR C 5 -1.13 -1.00 41.54
CA THR C 5 -2.10 -0.09 42.12
C THR C 5 -1.87 1.32 41.59
N PRO C 6 -2.93 2.10 41.38
CA PRO C 6 -2.73 3.48 40.94
C PRO C 6 -2.14 4.37 42.02
N LYS C 7 -1.17 5.16 41.63
CA LYS C 7 -0.76 6.34 42.39
C LYS C 7 -1.67 7.51 42.01
N ILE C 8 -2.10 8.25 43.03
CA ILE C 8 -3.14 9.27 42.85
C ILE C 8 -2.61 10.61 43.33
N GLN C 9 -2.81 11.66 42.54
CA GLN C 9 -2.46 13.01 42.93
C GLN C 9 -3.61 13.93 42.60
N VAL C 10 -4.03 14.75 43.56
CA VAL C 10 -5.09 15.72 43.38
C VAL C 10 -4.49 17.10 43.62
N TYR C 11 -4.73 18.03 42.70
CA TYR C 11 -4.02 19.30 42.69
C TYR C 11 -4.75 20.23 41.75
N SER C 12 -4.36 21.50 41.80
CA SER C 12 -4.91 22.52 40.90
C SER C 12 -3.91 22.79 39.79
N ARG C 13 -4.44 23.22 38.65
CA ARG C 13 -3.58 23.56 37.52
C ARG C 13 -2.69 24.75 37.87
N HIS C 14 -3.27 25.77 38.47
CA HIS C 14 -2.56 26.96 38.89
C HIS C 14 -2.52 27.04 40.40
N PRO C 15 -1.61 27.84 40.96
CA PRO C 15 -1.67 28.11 42.41
C PRO C 15 -3.05 28.61 42.80
N ALA C 16 -3.57 28.07 43.90
CA ALA C 16 -4.97 28.28 44.26
C ALA C 16 -5.17 29.64 44.89
N GLU C 17 -6.22 30.33 44.46
CA GLU C 17 -6.60 31.64 44.99
C GLU C 17 -8.13 31.67 45.01
N ASN C 18 -8.69 31.88 46.20
CA ASN C 18 -10.13 31.84 46.37
C ASN C 18 -10.83 32.79 45.40
N GLY C 19 -11.95 32.32 44.86
CA GLY C 19 -12.78 33.13 43.99
C GLY C 19 -12.31 33.25 42.55
N LYS C 20 -11.09 32.83 42.22
CA LYS C 20 -10.60 32.93 40.86
C LYS C 20 -10.60 31.55 40.20
N SER C 21 -10.97 31.53 38.92
CA SER C 21 -11.18 30.27 38.20
C SER C 21 -9.88 29.49 38.06
N ASN C 22 -10.00 28.17 38.13
CA ASN C 22 -8.87 27.24 38.11
C ASN C 22 -9.40 25.92 37.56
N PHE C 23 -8.51 24.94 37.45
CA PHE C 23 -8.87 23.58 37.10
C PHE C 23 -8.44 22.66 38.24
N LEU C 24 -9.32 21.75 38.62
CA LEU C 24 -9.02 20.69 39.59
C LEU C 24 -8.67 19.42 38.83
N ASN C 25 -7.51 18.85 39.13
CA ASN C 25 -6.98 17.71 38.41
C ASN C 25 -6.86 16.52 39.35
N CYS C 26 -7.13 15.32 38.82
CA CYS C 26 -6.78 14.08 39.50
C CYS C 26 -5.99 13.23 38.53
N TYR C 27 -4.71 13.02 38.83
CA TYR C 27 -3.78 12.30 37.98
C TYR C 27 -3.57 10.93 38.60
N VAL C 28 -3.86 9.89 37.82
CA VAL C 28 -3.67 8.52 38.27
C VAL C 28 -2.66 7.88 37.34
N SER C 29 -1.64 7.27 37.92
CA SER C 29 -0.58 6.69 37.13
C SER C 29 -0.06 5.44 37.81
N GLY C 30 0.82 4.75 37.07
CA GLY C 30 1.46 3.54 37.52
C GLY C 30 0.55 2.35 37.74
N PHE C 31 -0.62 2.32 37.12
CA PHE C 31 -1.55 1.22 37.35
C PHE C 31 -1.64 0.31 36.14
N HIS C 32 -1.99 -0.96 36.42
CA HIS C 32 -2.17 -2.01 35.43
C HIS C 32 -3.05 -3.07 36.07
N PRO C 33 -4.10 -3.59 35.39
CA PRO C 33 -4.55 -3.31 34.02
C PRO C 33 -5.28 -1.97 33.92
N SER C 34 -5.88 -1.71 32.75
CA SER C 34 -6.20 -0.36 32.35
C SER C 34 -7.56 0.12 32.82
N ASP C 35 -8.49 -0.77 33.13
CA ASP C 35 -9.79 -0.36 33.64
C ASP C 35 -9.65 0.34 35.00
N ILE C 36 -10.37 1.45 35.17
CA ILE C 36 -10.25 2.26 36.37
C ILE C 36 -11.46 3.17 36.39
N GLU C 37 -11.92 3.50 37.58
CA GLU C 37 -13.01 4.45 37.75
C GLU C 37 -12.48 5.63 38.55
N VAL C 38 -12.75 6.84 38.06
CA VAL C 38 -12.25 8.05 38.72
C VAL C 38 -13.36 9.07 38.75
N ASP C 39 -13.60 9.64 39.94
CA ASP C 39 -14.58 10.71 40.13
C ASP C 39 -13.92 11.87 40.87
N LEU C 40 -14.29 13.09 40.49
CA LEU C 40 -13.92 14.27 41.25
C LEU C 40 -15.10 14.66 42.14
N LEU C 41 -14.79 15.05 43.38
CA LEU C 41 -15.80 15.30 44.39
C LEU C 41 -15.73 16.75 44.89
N LYS C 42 -16.91 17.36 45.03
CA LYS C 42 -17.06 18.66 45.68
C LYS C 42 -17.91 18.44 46.93
N ASN C 43 -17.30 18.64 48.10
CA ASN C 43 -17.95 18.42 49.41
C ASN C 43 -18.62 17.06 49.46
N GLY C 44 -17.87 16.04 49.06
CA GLY C 44 -18.33 14.67 49.11
C GLY C 44 -19.19 14.25 47.95
N GLU C 45 -19.62 15.18 47.10
CA GLU C 45 -20.59 14.90 46.04
C GLU C 45 -19.90 14.80 44.69
N ARG C 46 -20.37 13.88 43.86
CA ARG C 46 -19.74 13.71 42.56
C ARG C 46 -19.93 14.95 41.71
N ILE C 47 -18.84 15.45 41.10
CA ILE C 47 -18.96 16.54 40.14
C ILE C 47 -19.37 15.97 38.79
N GLU C 48 -20.28 16.67 38.10
CA GLU C 48 -20.97 16.11 36.94
C GLU C 48 -20.12 16.10 35.68
N LYS C 49 -19.80 17.28 35.14
CA LYS C 49 -19.12 17.36 33.85
C LYS C 49 -17.62 17.29 34.09
N VAL C 50 -17.11 16.06 34.12
CA VAL C 50 -15.69 15.80 34.32
C VAL C 50 -15.13 15.18 33.04
N GLU C 51 -13.95 15.63 32.65
CA GLU C 51 -13.29 15.15 31.46
C GLU C 51 -12.02 14.42 31.83
N HIS C 52 -11.49 13.65 30.87
CA HIS C 52 -10.27 12.90 31.08
C HIS C 52 -9.52 12.72 29.78
N SER C 53 -8.21 12.54 29.94
CA SER C 53 -7.29 12.37 28.84
C SER C 53 -7.43 10.98 28.22
N ASP C 54 -6.88 10.84 27.03
CA ASP C 54 -6.85 9.55 26.37
C ASP C 54 -5.80 8.67 27.01
N LEU C 55 -6.10 7.37 27.08
CA LEU C 55 -5.25 6.42 27.77
C LEU C 55 -3.90 6.29 27.10
N SER C 56 -2.86 6.44 27.91
CA SER C 56 -1.50 6.19 27.45
C SER C 56 -0.76 5.47 28.57
N PHE C 57 0.52 5.22 28.33
CA PHE C 57 1.31 4.54 29.34
C PHE C 57 2.76 4.96 29.31
N SER C 58 3.48 4.56 30.35
CA SER C 58 4.86 4.94 30.60
C SER C 58 5.82 3.83 30.13
N LYS C 59 7.12 4.09 30.33
CA LYS C 59 8.15 3.18 29.82
C LYS C 59 8.00 1.80 30.44
N ASP C 60 7.59 1.72 31.72
CA ASP C 60 7.41 0.44 32.37
C ASP C 60 6.07 -0.22 32.01
N TRP C 61 5.28 0.40 31.14
CA TRP C 61 4.01 -0.10 30.58
C TRP C 61 2.81 0.19 31.46
N SER C 62 3.00 0.79 32.63
CA SER C 62 1.89 1.18 33.48
C SER C 62 1.18 2.38 32.85
N PHE C 63 -0.13 2.43 33.05
CA PHE C 63 -0.98 3.43 32.45
C PHE C 63 -1.05 4.72 33.27
N TYR C 64 -1.52 5.78 32.62
CA TYR C 64 -1.79 7.04 33.31
C TYR C 64 -2.96 7.74 32.62
N LEU C 65 -3.75 8.41 33.45
CA LEU C 65 -4.84 9.25 32.99
C LEU C 65 -4.94 10.52 33.83
N LEU C 66 -5.41 11.59 33.22
CA LEU C 66 -5.72 12.84 33.90
C LEU C 66 -7.21 13.10 33.83
N TYR C 67 -7.86 13.23 34.99
CA TYR C 67 -9.24 13.68 35.07
C TYR C 67 -9.24 15.11 35.59
N TYR C 68 -10.14 15.94 35.04
CA TYR C 68 -10.07 17.37 35.29
C TYR C 68 -11.43 18.03 35.06
N THR C 69 -11.64 19.14 35.75
CA THR C 69 -12.86 19.92 35.66
C THR C 69 -12.54 21.36 36.06
N GLU C 70 -13.31 22.29 35.50
CA GLU C 70 -13.18 23.68 35.90
C GLU C 70 -13.82 23.88 37.27
N PHE C 71 -13.22 24.76 38.07
CA PHE C 71 -13.84 25.12 39.34
C PHE C 71 -13.24 26.42 39.86
N THR C 72 -14.00 27.12 40.70
CA THR C 72 -13.49 28.29 41.42
C THR C 72 -13.45 27.92 42.90
N PRO C 73 -12.28 27.77 43.51
CA PRO C 73 -12.22 27.33 44.90
C PRO C 73 -12.61 28.45 45.87
N THR C 74 -13.13 28.02 47.02
CA THR C 74 -13.35 28.93 48.14
C THR C 74 -12.65 28.42 49.39
N GLU C 75 -12.95 29.04 50.54
CA GLU C 75 -12.27 28.67 51.78
C GLU C 75 -12.80 27.36 52.35
N LYS C 76 -14.12 27.15 52.32
CA LYS C 76 -14.69 25.99 53.00
C LYS C 76 -15.12 24.87 52.06
N ASP C 77 -15.02 25.06 50.74
CA ASP C 77 -15.33 23.98 49.80
C ASP C 77 -14.18 22.97 49.76
N GLU C 78 -14.49 21.73 50.07
CA GLU C 78 -13.53 20.63 50.05
C GLU C 78 -13.67 19.81 48.77
N TYR C 79 -12.54 19.48 48.16
CA TYR C 79 -12.50 18.67 46.95
C TYR C 79 -11.65 17.44 47.17
N ALA C 80 -11.91 16.42 46.37
CA ALA C 80 -11.23 15.15 46.52
C ALA C 80 -11.38 14.35 45.23
N CYS C 81 -10.59 13.29 45.14
CA CYS C 81 -10.63 12.34 44.04
C CYS C 81 -10.91 10.94 44.60
N ARG C 82 -11.90 10.27 44.04
CA ARG C 82 -12.29 8.93 44.44
C ARG C 82 -11.99 7.99 43.28
N VAL C 83 -11.20 6.95 43.56
CA VAL C 83 -10.66 6.08 42.54
C VAL C 83 -10.96 4.63 42.92
N ASN C 84 -11.41 3.84 41.95
CA ASN C 84 -11.49 2.40 42.13
C ASN C 84 -10.77 1.65 41.01
N HIS C 85 -10.13 0.57 41.39
CA HIS C 85 -9.27 -0.23 40.52
C HIS C 85 -9.35 -1.64 41.07
N VAL C 86 -9.06 -2.63 40.22
CA VAL C 86 -9.13 -4.00 40.70
C VAL C 86 -8.15 -4.24 41.83
N THR C 87 -7.05 -3.47 41.88
CA THR C 87 -6.08 -3.62 42.97
C THR C 87 -6.61 -3.09 44.31
N LEU C 88 -7.79 -2.52 44.36
CA LEU C 88 -8.28 -1.82 45.54
C LEU C 88 -9.60 -2.41 46.00
N SER C 89 -9.69 -2.66 47.32
CA SER C 89 -10.87 -3.32 47.89
C SER C 89 -12.07 -2.37 47.96
N GLN C 90 -11.82 -1.10 48.20
CA GLN C 90 -12.80 -0.05 48.36
C GLN C 90 -12.36 1.12 47.51
N PRO C 91 -13.28 1.95 47.03
CA PRO C 91 -12.89 3.27 46.50
C PRO C 91 -11.88 3.97 47.41
N LYS C 92 -10.81 4.51 46.84
CA LYS C 92 -9.82 5.28 47.59
C LYS C 92 -10.04 6.76 47.31
N ILE C 93 -10.11 7.56 48.38
CA ILE C 93 -10.42 8.98 48.31
C ILE C 93 -9.20 9.76 48.77
N VAL C 94 -8.71 10.65 47.91
CA VAL C 94 -7.61 11.55 48.24
C VAL C 94 -8.15 12.96 48.18
N LYS C 95 -8.07 13.65 49.32
CA LYS C 95 -8.58 15.00 49.41
C LYS C 95 -7.58 15.99 48.84
N TRP C 96 -8.12 17.07 48.29
CA TRP C 96 -7.28 18.15 47.80
C TRP C 96 -6.72 18.95 48.97
N ASP C 97 -5.40 19.11 49.00
CA ASP C 97 -4.69 19.86 50.04
C ASP C 97 -3.88 20.95 49.37
N ARG C 98 -4.42 22.18 49.36
CA ARG C 98 -3.79 23.22 48.53
C ARG C 98 -2.44 23.66 49.09
N ASP C 99 -2.22 23.54 50.39
CA ASP C 99 -1.03 24.09 51.02
C ASP C 99 0.17 23.14 50.99
N MET C 100 0.08 22.01 50.28
CA MET C 100 1.19 21.06 50.28
C MET C 100 2.28 21.54 49.32
N ALA D 2 -6.64 17.45 -6.53
CA ALA D 2 -7.39 16.21 -6.71
C ALA D 2 -6.44 15.02 -6.65
N GLN D 3 -6.93 13.84 -7.06
CA GLN D 3 -6.14 12.60 -7.17
C GLN D 3 -6.10 12.24 -8.64
N LYS D 4 -5.04 12.60 -9.34
CA LYS D 4 -4.93 12.29 -10.76
C LYS D 4 -3.47 12.03 -11.09
N VAL D 5 -3.23 10.96 -11.84
CA VAL D 5 -1.91 10.66 -12.40
C VAL D 5 -1.99 10.88 -13.91
N THR D 6 -1.00 11.56 -14.48
CA THR D 6 -1.06 11.99 -15.88
C THR D 6 0.16 11.51 -16.62
N GLN D 7 -0.05 10.66 -17.61
CA GLN D 7 1.00 10.29 -18.56
C GLN D 7 0.60 10.93 -19.89
N ALA D 8 1.25 12.07 -20.22
CA ALA D 8 0.76 12.94 -21.29
C ALA D 8 1.06 12.40 -22.70
N GLN D 9 2.16 11.66 -22.89
CA GLN D 9 2.47 10.99 -24.15
C GLN D 9 1.67 9.70 -24.26
N SER D 10 0.73 9.63 -25.19
CA SER D 10 -0.02 8.39 -25.35
C SER D 10 0.87 7.28 -25.90
N SER D 11 1.90 7.63 -26.65
CA SER D 11 2.73 6.64 -27.32
C SER D 11 4.06 7.28 -27.68
N VAL D 12 5.09 6.44 -27.77
CA VAL D 12 6.46 6.87 -27.96
C VAL D 12 7.17 5.76 -28.71
N SER D 13 8.07 6.13 -29.62
CA SER D 13 8.93 5.15 -30.29
C SER D 13 10.37 5.61 -30.19
N MET D 14 11.27 4.65 -30.08
CA MET D 14 12.69 4.90 -29.94
C MET D 14 13.45 3.70 -30.50
N PRO D 15 14.66 3.92 -31.06
CA PRO D 15 15.43 2.80 -31.61
C PRO D 15 15.99 1.88 -30.54
N VAL D 16 16.17 0.61 -30.93
CA VAL D 16 16.85 -0.34 -30.08
C VAL D 16 18.19 0.25 -29.64
N ARG D 17 18.65 -0.14 -28.47
CA ARG D 17 19.94 0.21 -27.89
C ARG D 17 20.02 1.65 -27.36
N LYS D 18 19.06 2.52 -27.64
CA LYS D 18 19.06 3.85 -27.06
C LYS D 18 18.34 3.85 -25.71
N ALA D 19 18.11 5.04 -25.15
CA ALA D 19 17.41 5.22 -23.90
C ALA D 19 16.08 5.91 -24.13
N VAL D 20 15.11 5.68 -23.24
CA VAL D 20 13.84 6.39 -23.34
C VAL D 20 13.43 6.87 -21.96
N THR D 21 12.77 8.02 -21.92
CA THR D 21 12.22 8.59 -20.69
C THR D 21 10.71 8.70 -20.85
N LEU D 22 9.97 8.08 -19.94
CA LEU D 22 8.50 8.11 -19.95
C LEU D 22 8.02 8.97 -18.80
N ASN D 23 7.31 10.04 -19.13
CA ASN D 23 7.01 11.06 -18.13
C ASN D 23 5.77 10.72 -17.34
N CYS D 24 5.75 11.18 -16.10
CA CYS D 24 4.57 11.00 -15.27
C CYS D 24 4.49 12.18 -14.32
N LEU D 25 3.37 12.89 -14.35
CA LEU D 25 3.07 13.99 -13.46
C LEU D 25 1.83 13.61 -12.66
N TYR D 26 1.73 14.10 -11.42
CA TYR D 26 0.63 13.70 -10.57
C TYR D 26 0.17 14.87 -9.72
N GLU D 27 -1.11 14.84 -9.35
CA GLU D 27 -1.68 15.77 -8.39
C GLU D 27 -2.27 14.96 -7.24
N THR D 28 -1.98 15.39 -6.01
CA THR D 28 -2.44 14.64 -4.86
C THR D 28 -2.33 15.55 -3.65
N SER D 29 -3.28 15.42 -2.74
CA SER D 29 -3.12 16.02 -1.43
C SER D 29 -2.37 15.11 -0.46
N TRP D 30 -1.98 13.92 -0.90
CA TRP D 30 -1.17 13.02 -0.07
C TRP D 30 0.24 13.56 0.03
N TRP D 31 0.79 13.60 1.26
CA TRP D 31 2.15 14.06 1.45
C TRP D 31 3.12 12.96 1.81
N SER D 32 2.64 11.74 2.01
CA SER D 32 3.48 10.56 2.18
C SER D 32 2.90 9.52 1.24
N TYR D 33 3.73 8.97 0.34
CA TYR D 33 3.22 8.14 -0.75
C TYR D 33 4.36 7.41 -1.45
N TYR D 34 3.98 6.54 -2.39
CA TYR D 34 4.92 5.87 -3.29
C TYR D 34 4.44 6.11 -4.72
N ILE D 35 5.36 5.92 -5.66
CA ILE D 35 5.06 5.91 -7.08
C ILE D 35 5.48 4.56 -7.64
N PHE D 36 4.54 3.87 -8.30
CA PHE D 36 4.85 2.56 -8.90
C PHE D 36 4.93 2.68 -10.41
N TRP D 37 5.88 1.96 -11.00
CA TRP D 37 5.96 1.80 -12.45
C TRP D 37 5.73 0.33 -12.81
N TYR D 38 4.84 0.12 -13.78
CA TYR D 38 4.47 -1.19 -14.28
C TYR D 38 4.66 -1.28 -15.79
N LYS D 39 4.88 -2.50 -16.26
CA LYS D 39 5.03 -2.85 -17.67
C LYS D 39 3.93 -3.83 -18.05
N GLN D 40 3.07 -3.47 -19.02
CA GLN D 40 2.04 -4.39 -19.51
C GLN D 40 2.44 -4.88 -20.90
N LEU D 41 2.68 -6.19 -21.01
CA LEU D 41 3.05 -6.78 -22.28
C LEU D 41 1.88 -6.79 -23.27
N PRO D 42 2.18 -7.00 -24.57
CA PRO D 42 1.09 -7.18 -25.55
C PRO D 42 0.16 -8.33 -25.22
N SER D 43 0.65 -9.39 -24.56
CA SER D 43 -0.25 -10.41 -24.06
C SER D 43 -1.25 -9.90 -23.00
N LYS D 44 -1.11 -8.66 -22.53
CA LYS D 44 -1.89 -8.02 -21.45
C LYS D 44 -1.36 -8.45 -20.08
N GLU D 45 -0.34 -9.30 -20.02
CA GLU D 45 0.29 -9.60 -18.73
C GLU D 45 0.86 -8.32 -18.12
N MET D 46 0.61 -8.15 -16.83
CA MET D 46 1.06 -6.99 -16.05
C MET D 46 2.24 -7.37 -15.18
N ILE D 47 3.21 -6.47 -15.09
CA ILE D 47 4.47 -6.77 -14.42
C ILE D 47 4.93 -5.53 -13.66
N PHE D 48 5.26 -5.71 -12.38
CA PHE D 48 5.76 -4.62 -11.55
C PHE D 48 7.23 -4.39 -11.86
N LEU D 49 7.62 -3.13 -12.05
CA LEU D 49 9.04 -2.84 -12.28
C LEU D 49 9.73 -2.25 -11.07
N ILE D 50 9.18 -1.17 -10.49
CA ILE D 50 9.92 -0.42 -9.48
C ILE D 50 8.99 0.56 -8.77
N ARG D 51 9.30 0.88 -7.51
CA ARG D 51 8.56 1.88 -6.76
C ARG D 51 9.52 2.93 -6.23
N GLN D 52 9.02 4.15 -6.18
CA GLN D 52 9.76 5.30 -5.70
C GLN D 52 9.08 5.80 -4.44
N GLY D 53 9.84 5.90 -3.35
CA GLY D 53 9.28 6.45 -2.11
C GLY D 53 9.39 7.96 -2.06
N SER D 54 8.37 8.59 -1.52
CA SER D 54 8.31 10.05 -1.49
C SER D 54 9.36 10.65 -0.56
N ASP D 55 10.00 9.85 0.29
CA ASP D 55 11.06 10.30 1.20
C ASP D 55 12.41 9.81 0.79
N GLU D 56 12.52 9.13 -0.35
CA GLU D 56 13.75 8.41 -0.67
C GLU D 56 14.48 9.13 -1.79
N GLN D 57 15.74 8.73 -1.98
CA GLN D 57 16.49 9.18 -3.13
C GLN D 57 15.95 8.51 -4.39
N ASN D 58 16.49 8.90 -5.53
CA ASN D 58 16.00 8.36 -6.80
C ASN D 58 16.12 6.85 -6.84
N ALA D 59 14.99 6.16 -7.06
CA ALA D 59 15.00 4.70 -7.20
C ALA D 59 15.70 4.29 -8.49
N LYS D 60 16.41 3.17 -8.41
CA LYS D 60 17.18 2.64 -9.52
C LYS D 60 17.19 1.13 -9.37
N SER D 61 17.06 0.42 -10.50
CA SER D 61 17.20 -1.04 -10.50
C SER D 61 17.47 -1.55 -11.92
N GLY D 62 18.61 -2.18 -12.13
CA GLY D 62 18.96 -2.61 -13.48
C GLY D 62 18.89 -1.44 -14.45
N ARG D 63 18.23 -1.66 -15.58
CA ARG D 63 18.10 -0.62 -16.59
C ARG D 63 17.02 0.39 -16.28
N TYR D 64 16.35 0.30 -15.14
CA TYR D 64 15.32 1.25 -14.79
C TYR D 64 15.88 2.26 -13.78
N SER D 65 15.46 3.51 -13.91
CA SER D 65 15.75 4.50 -12.90
C SER D 65 14.64 5.55 -12.91
N VAL D 66 14.38 6.13 -11.74
CA VAL D 66 13.35 7.14 -11.58
C VAL D 66 14.00 8.48 -11.30
N ASN D 67 13.50 9.53 -11.93
CA ASN D 67 13.96 10.89 -11.70
C ASN D 67 12.86 11.54 -10.88
N PHE D 68 12.93 11.34 -9.56
CA PHE D 68 11.89 11.82 -8.67
C PHE D 68 12.12 13.29 -8.40
N LYS D 69 11.17 14.15 -8.81
CA LYS D 69 11.26 15.59 -8.64
C LYS D 69 10.03 16.00 -7.84
N LYS D 70 10.18 15.96 -6.53
CA LYS D 70 9.03 15.98 -5.65
C LYS D 70 8.29 17.31 -5.68
N ALA D 71 9.04 18.41 -5.71
CA ALA D 71 8.37 19.71 -5.73
C ALA D 71 7.54 19.86 -6.99
N ALA D 72 8.03 19.33 -8.11
CA ALA D 72 7.31 19.38 -9.37
C ALA D 72 6.25 18.29 -9.49
N LYS D 73 6.20 17.35 -8.54
CA LYS D 73 5.34 16.17 -8.67
C LYS D 73 5.48 15.57 -10.07
N SER D 74 6.70 15.18 -10.32
CA SER D 74 7.14 14.55 -11.58
C SER D 74 8.13 13.42 -11.33
N VAL D 75 7.81 12.23 -11.85
CA VAL D 75 8.46 10.94 -11.54
C VAL D 75 8.68 10.22 -12.85
N ALA D 76 9.46 10.79 -13.74
CA ALA D 76 9.73 10.12 -15.02
C ALA D 76 10.55 8.85 -14.84
N LEU D 77 10.16 7.80 -15.54
CA LEU D 77 10.92 6.56 -15.64
C LEU D 77 11.80 6.57 -16.87
N THR D 78 13.06 6.19 -16.71
CA THR D 78 13.99 6.10 -17.82
C THR D 78 14.46 4.66 -17.94
N ILE D 79 14.35 4.11 -19.14
CA ILE D 79 14.88 2.80 -19.48
C ILE D 79 16.09 2.99 -20.40
N SER D 80 17.21 2.42 -20.01
CA SER D 80 18.46 2.47 -20.77
C SER D 80 18.61 1.23 -21.64
N ALA D 81 19.48 1.33 -22.64
CA ALA D 81 19.89 0.18 -23.48
C ALA D 81 18.68 -0.61 -23.99
N LEU D 82 17.79 0.08 -24.71
CA LEU D 82 16.52 -0.49 -25.10
C LEU D 82 16.67 -1.81 -25.84
N GLN D 83 15.82 -2.77 -25.50
CA GLN D 83 15.71 -4.04 -26.21
C GLN D 83 14.33 -4.14 -26.81
N LEU D 84 14.19 -5.00 -27.82
CA LEU D 84 12.88 -5.14 -28.44
C LEU D 84 11.85 -5.64 -27.42
N GLU D 85 12.29 -6.46 -26.47
CA GLU D 85 11.43 -6.95 -25.40
C GLU D 85 10.86 -5.83 -24.53
N ASP D 86 11.42 -4.63 -24.58
CA ASP D 86 10.83 -3.54 -23.81
C ASP D 86 9.58 -2.95 -24.44
N SER D 87 9.24 -3.29 -25.69
CA SER D 87 8.01 -2.75 -26.26
C SER D 87 6.81 -3.28 -25.47
N ALA D 88 6.01 -2.37 -24.92
CA ALA D 88 4.98 -2.68 -23.94
C ALA D 88 4.30 -1.36 -23.60
N LYS D 89 3.22 -1.45 -22.84
CA LYS D 89 2.58 -0.25 -22.34
C LYS D 89 2.98 -0.08 -20.87
N TYR D 90 3.41 1.13 -20.52
CA TYR D 90 4.01 1.42 -19.23
C TYR D 90 3.08 2.32 -18.45
N PHE D 91 2.85 1.97 -17.20
CA PHE D 91 1.86 2.63 -16.38
C PHE D 91 2.55 3.22 -15.16
N CYS D 92 2.14 4.43 -14.82
CA CYS D 92 2.58 5.18 -13.66
C CYS D 92 1.40 5.18 -12.66
N ALA D 93 1.70 4.93 -11.37
CA ALA D 93 0.66 4.78 -10.34
C ALA D 93 1.18 5.34 -9.01
N LEU D 94 0.25 5.91 -8.26
CA LEU D 94 0.47 6.52 -6.97
C LEU D 94 -0.22 5.68 -5.90
N GLY D 95 0.44 5.46 -4.77
CA GLY D 95 -0.17 4.73 -3.66
C GLY D 95 0.07 5.41 -2.32
N ASP D 96 -0.85 5.20 -1.38
CA ASP D 96 -0.76 5.86 -0.08
C ASP D 96 -0.05 4.95 0.92
N THR D 97 -0.19 5.22 2.23
CA THR D 97 0.49 4.38 3.22
C THR D 97 -0.34 3.17 3.64
N ALA D 98 -1.49 2.95 2.99
CA ALA D 98 -2.36 1.88 3.43
C ALA D 98 -3.05 1.21 2.24
N GLY D 99 -2.31 0.96 1.14
CA GLY D 99 -2.78 0.05 0.10
C GLY D 99 -3.65 0.65 -0.98
N LYS D 100 -4.08 1.90 -0.85
CA LYS D 100 -4.85 2.54 -1.91
C LYS D 100 -3.96 2.93 -3.08
N SER D 101 -4.53 2.93 -4.29
CA SER D 101 -3.70 3.33 -5.43
C SER D 101 -4.53 4.00 -6.52
N THR D 102 -3.83 4.80 -7.30
CA THR D 102 -4.37 5.61 -8.39
C THR D 102 -3.48 5.37 -9.60
N PHE D 103 -4.08 4.98 -10.74
CA PHE D 103 -3.29 4.69 -11.93
C PHE D 103 -3.42 5.82 -12.94
N GLY D 104 -2.31 6.12 -13.61
CA GLY D 104 -2.40 6.89 -14.84
C GLY D 104 -2.86 5.98 -15.95
N ASP D 105 -3.09 6.55 -17.14
CA ASP D 105 -3.64 5.78 -18.25
C ASP D 105 -2.57 5.25 -19.19
N GLY D 106 -1.29 5.41 -18.85
CA GLY D 106 -0.23 4.65 -19.48
C GLY D 106 0.33 5.27 -20.77
N THR D 107 1.48 4.75 -21.19
CA THR D 107 2.22 5.21 -22.36
C THR D 107 2.73 4.00 -23.13
N THR D 108 2.38 3.90 -24.42
CA THR D 108 2.78 2.75 -25.23
C THR D 108 4.16 3.03 -25.81
N LEU D 109 5.10 2.13 -25.54
CA LEU D 109 6.46 2.22 -26.02
C LEU D 109 6.70 1.18 -27.12
N THR D 110 7.06 1.66 -28.31
CA THR D 110 7.49 0.79 -29.42
C THR D 110 9.00 0.96 -29.63
N VAL D 111 9.74 -0.10 -29.40
CA VAL D 111 11.16 -0.13 -29.72
C VAL D 111 11.28 -0.61 -31.16
N LYS D 112 11.97 0.18 -31.99
CA LYS D 112 12.08 -0.12 -33.42
C LYS D 112 13.40 -0.81 -33.71
N PRO D 113 13.41 -1.98 -34.35
CA PRO D 113 14.67 -2.66 -34.65
C PRO D 113 15.46 -1.89 -35.71
N ASN D 114 16.76 -2.16 -35.76
CA ASN D 114 17.62 -1.54 -36.78
C ASN D 114 17.68 -2.47 -38.00
N ILE D 115 16.87 -2.18 -39.01
CA ILE D 115 16.85 -3.00 -40.22
C ILE D 115 18.06 -2.64 -41.07
N GLN D 116 19.05 -3.53 -41.14
CA GLN D 116 20.29 -3.17 -41.81
C GLN D 116 20.27 -3.40 -43.32
N ASN D 117 19.36 -4.24 -43.83
CA ASN D 117 19.28 -4.51 -45.26
C ASN D 117 17.83 -4.49 -45.68
N PRO D 118 17.19 -3.32 -45.67
CA PRO D 118 15.80 -3.25 -46.10
C PRO D 118 15.64 -3.78 -47.52
N ASP D 119 14.46 -4.30 -47.79
CA ASP D 119 14.15 -4.94 -49.05
C ASP D 119 12.64 -4.89 -49.25
N PRO D 120 12.06 -3.70 -49.20
CA PRO D 120 10.60 -3.59 -49.20
C PRO D 120 9.98 -4.35 -50.37
N ALA D 121 8.88 -5.04 -50.09
CA ALA D 121 8.25 -5.88 -51.08
C ALA D 121 6.83 -6.18 -50.64
N VAL D 122 5.96 -6.36 -51.62
CA VAL D 122 4.57 -6.80 -51.43
C VAL D 122 4.39 -8.14 -52.14
N TYR D 123 4.11 -9.18 -51.36
CA TYR D 123 3.92 -10.53 -51.87
C TYR D 123 2.48 -10.97 -51.73
N GLN D 124 2.06 -11.86 -52.63
CA GLN D 124 0.77 -12.50 -52.54
C GLN D 124 0.97 -13.93 -52.07
N LEU D 125 0.14 -14.37 -51.12
CA LEU D 125 0.20 -15.71 -50.54
C LEU D 125 -1.16 -16.39 -50.72
N ARG D 126 -1.14 -17.64 -51.16
CA ARG D 126 -2.39 -18.34 -51.43
C ARG D 126 -2.72 -19.33 -50.31
N ASP D 127 -4.02 -19.52 -50.09
CA ASP D 127 -4.52 -20.42 -49.05
C ASP D 127 -3.99 -21.83 -49.26
N SER D 128 -3.47 -22.42 -48.17
CA SER D 128 -3.04 -23.81 -48.15
C SER D 128 -4.14 -24.78 -48.55
N LYS D 129 -5.40 -24.38 -48.54
CA LYS D 129 -6.51 -25.25 -48.93
C LYS D 129 -7.22 -24.75 -50.18
N SER D 130 -7.77 -23.55 -50.14
CA SER D 130 -8.79 -23.13 -51.10
C SER D 130 -8.16 -22.46 -52.30
N SER D 131 -8.99 -22.14 -53.29
CA SER D 131 -8.52 -21.46 -54.48
C SER D 131 -8.90 -20.00 -54.48
N ASP D 132 -10.09 -19.69 -53.95
CA ASP D 132 -10.53 -18.30 -53.82
C ASP D 132 -9.46 -17.46 -53.11
N LYS D 133 -9.00 -17.91 -51.94
CA LYS D 133 -8.50 -17.00 -50.91
C LYS D 133 -7.01 -16.68 -51.04
N SER D 134 -6.68 -15.40 -50.92
CA SER D 134 -5.29 -14.99 -50.80
C SER D 134 -5.15 -13.84 -49.81
N VAL D 135 -3.91 -13.46 -49.56
CA VAL D 135 -3.52 -12.46 -48.58
C VAL D 135 -2.33 -11.73 -49.18
N CYS D 136 -2.18 -10.43 -48.87
CA CYS D 136 -1.02 -9.66 -49.30
C CYS D 136 -0.14 -9.31 -48.11
N LEU D 137 1.17 -9.46 -48.30
CA LEU D 137 2.17 -9.28 -47.25
C LEU D 137 3.13 -8.19 -47.66
N PHE D 138 3.13 -7.07 -46.92
CA PHE D 138 4.11 -6.00 -47.05
C PHE D 138 5.22 -6.25 -46.02
N THR D 139 6.45 -6.43 -46.50
CA THR D 139 7.48 -6.92 -45.59
C THR D 139 8.85 -6.37 -46.00
N ASP D 140 9.78 -6.41 -45.04
CA ASP D 140 11.19 -6.09 -45.16
C ASP D 140 11.46 -4.58 -45.34
N PHE D 141 10.48 -3.73 -45.09
CA PHE D 141 10.72 -2.30 -45.05
C PHE D 141 11.43 -1.90 -43.75
N ASP D 142 12.14 -0.77 -43.79
CA ASP D 142 12.79 -0.42 -42.53
C ASP D 142 11.85 0.43 -41.66
N SER D 143 12.32 0.71 -40.46
CA SER D 143 11.38 1.14 -39.43
C SER D 143 10.90 2.56 -39.62
N GLN D 144 11.44 3.29 -40.59
CA GLN D 144 10.90 4.62 -40.92
C GLN D 144 9.51 4.52 -41.55
N THR D 145 9.24 3.44 -42.29
CA THR D 145 7.97 3.31 -42.98
C THR D 145 6.81 3.19 -42.00
N ASN D 146 5.71 3.87 -42.30
CA ASN D 146 4.49 3.83 -41.50
C ASN D 146 3.38 3.19 -42.31
N VAL D 147 2.76 2.16 -41.78
CA VAL D 147 1.66 1.48 -42.50
C VAL D 147 0.37 2.18 -42.10
N SER D 148 -0.41 2.57 -43.07
CA SER D 148 -1.64 3.32 -42.75
C SER D 148 -2.84 2.40 -42.64
N GLN D 149 -3.79 2.79 -41.79
CA GLN D 149 -5.05 2.03 -41.60
C GLN D 149 -5.83 1.98 -42.89
N SER D 150 -6.56 0.91 -43.12
CA SER D 150 -7.40 0.89 -44.32
C SER D 150 -8.47 1.97 -44.15
N LYS D 151 -8.68 2.77 -45.19
CA LYS D 151 -9.73 3.80 -45.21
C LYS D 151 -10.92 3.23 -45.99
N ASP D 152 -10.86 1.93 -46.29
CA ASP D 152 -11.92 1.24 -47.02
C ASP D 152 -12.33 0.03 -46.20
N SER D 153 -13.60 -0.01 -45.82
CA SER D 153 -14.03 -0.93 -44.77
C SER D 153 -14.17 -2.37 -45.23
N ASP D 154 -14.03 -2.67 -46.53
CA ASP D 154 -13.98 -4.04 -47.00
C ASP D 154 -12.57 -4.50 -47.29
N VAL D 155 -11.56 -3.71 -46.92
CA VAL D 155 -10.16 -4.10 -47.00
C VAL D 155 -9.60 -4.07 -45.60
N TYR D 156 -8.94 -5.14 -45.20
CA TYR D 156 -8.40 -5.25 -43.84
C TYR D 156 -6.88 -5.15 -43.89
N ILE D 157 -6.32 -4.28 -43.06
CA ILE D 157 -4.90 -4.05 -43.02
C ILE D 157 -4.46 -4.00 -41.56
N THR D 158 -3.54 -4.87 -41.17
CA THR D 158 -3.02 -4.92 -39.81
C THR D 158 -1.95 -3.84 -39.59
N ASP D 159 -1.64 -3.60 -38.32
CA ASP D 159 -0.44 -2.83 -37.98
C ASP D 159 0.81 -3.61 -38.39
N LYS D 160 1.94 -2.89 -38.46
CA LYS D 160 3.20 -3.57 -38.71
C LYS D 160 3.62 -4.36 -37.47
N CYS D 161 4.46 -5.37 -37.70
CA CYS D 161 4.80 -6.38 -36.73
C CYS D 161 6.26 -6.75 -36.95
N VAL D 162 7.04 -6.73 -35.90
CA VAL D 162 8.43 -7.13 -35.95
C VAL D 162 8.54 -8.59 -35.58
N LEU D 163 9.10 -9.41 -36.46
CA LEU D 163 9.47 -10.78 -36.12
C LEU D 163 10.97 -10.87 -36.02
N ASP D 164 11.45 -11.83 -35.25
CA ASP D 164 12.88 -11.96 -34.95
C ASP D 164 13.26 -13.41 -35.17
N MET D 165 13.98 -13.69 -36.26
CA MET D 165 14.51 -15.03 -36.53
C MET D 165 15.80 -15.17 -35.71
N ARG D 166 15.67 -15.77 -34.52
CA ARG D 166 16.70 -15.61 -33.50
C ARG D 166 18.00 -16.27 -33.93
N SER D 167 17.93 -17.49 -34.47
CA SER D 167 19.13 -18.21 -34.89
C SER D 167 19.95 -17.45 -35.91
N MET D 168 19.29 -16.62 -36.73
CA MET D 168 19.96 -15.88 -37.79
C MET D 168 20.21 -14.41 -37.43
N ASP D 169 19.79 -13.97 -36.25
CA ASP D 169 19.97 -12.57 -35.85
C ASP D 169 19.36 -11.62 -36.90
N PHE D 170 18.17 -11.97 -37.39
CA PHE D 170 17.53 -11.26 -38.49
C PHE D 170 16.15 -10.83 -38.04
N LYS D 171 15.88 -9.53 -38.10
CA LYS D 171 14.61 -8.94 -37.77
C LYS D 171 13.92 -8.42 -39.03
N SER D 172 12.59 -8.50 -39.10
CA SER D 172 11.96 -7.84 -40.23
C SER D 172 10.57 -7.39 -39.84
N ASN D 173 10.13 -6.29 -40.46
CA ASN D 173 8.80 -5.73 -40.28
C ASN D 173 7.85 -6.28 -41.33
N SER D 174 6.57 -6.36 -40.97
CA SER D 174 5.58 -6.77 -41.97
C SER D 174 4.19 -6.29 -41.55
N ALA D 175 3.31 -6.26 -42.53
CA ALA D 175 1.90 -5.97 -42.33
C ALA D 175 1.15 -6.82 -43.32
N VAL D 176 -0.11 -7.10 -43.01
CA VAL D 176 -0.89 -8.03 -43.80
C VAL D 176 -2.15 -7.33 -44.28
N ALA D 177 -2.60 -7.65 -45.48
CA ALA D 177 -3.83 -7.07 -45.99
C ALA D 177 -4.61 -8.12 -46.73
N TRP D 178 -5.94 -8.09 -46.60
CA TRP D 178 -6.78 -9.03 -47.32
C TRP D 178 -8.17 -8.43 -47.53
N SER D 179 -8.97 -9.12 -48.34
CA SER D 179 -10.28 -8.60 -48.68
C SER D 179 -11.07 -9.66 -49.42
N ASN D 180 -12.38 -9.51 -49.44
CA ASN D 180 -13.22 -10.46 -50.19
C ASN D 180 -13.65 -9.80 -51.51
N LYS D 181 -13.36 -8.52 -51.68
CA LYS D 181 -13.87 -7.80 -52.89
C LYS D 181 -13.17 -8.16 -54.19
N SER D 182 -13.98 -8.21 -55.25
CA SER D 182 -13.71 -8.57 -56.67
C SER D 182 -12.35 -8.11 -57.19
N ASP D 183 -12.08 -6.81 -57.11
CA ASP D 183 -10.85 -6.28 -57.74
C ASP D 183 -9.75 -6.00 -56.73
N PHE D 184 -9.77 -6.66 -55.57
CA PHE D 184 -8.68 -6.42 -54.61
C PHE D 184 -7.41 -7.06 -55.17
N ALA D 185 -6.32 -6.31 -55.26
CA ALA D 185 -5.06 -6.84 -55.74
C ALA D 185 -3.92 -6.29 -54.91
N CYS D 186 -2.85 -7.08 -54.78
CA CYS D 186 -1.72 -6.68 -53.94
C CYS D 186 -1.12 -5.36 -54.40
N ALA D 187 -1.16 -5.10 -55.71
CA ALA D 187 -0.61 -3.86 -56.24
C ALA D 187 -1.29 -2.65 -55.61
N ASN D 188 -2.58 -2.76 -55.30
CA ASN D 188 -3.32 -1.66 -54.68
C ASN D 188 -3.41 -1.76 -53.16
N ALA D 189 -3.18 -2.94 -52.58
CA ALA D 189 -3.47 -3.18 -51.17
C ALA D 189 -3.04 -2.01 -50.29
N PHE D 190 -1.78 -1.60 -50.41
CA PHE D 190 -1.19 -0.62 -49.48
C PHE D 190 -1.12 0.78 -50.06
N ASN D 191 -1.99 1.09 -51.04
CA ASN D 191 -1.99 2.40 -51.69
C ASN D 191 -2.36 3.54 -50.75
N ASN D 192 -2.94 3.26 -49.58
CA ASN D 192 -3.23 4.30 -48.61
C ASN D 192 -2.05 4.58 -47.68
N SER D 193 -0.92 3.92 -47.86
CA SER D 193 0.30 4.20 -47.14
C SER D 193 1.32 4.80 -48.10
N ILE D 194 2.35 5.44 -47.56
CA ILE D 194 3.47 5.89 -48.37
C ILE D 194 4.66 4.97 -48.09
N ILE D 195 5.01 4.17 -49.09
CA ILE D 195 5.95 3.06 -48.99
C ILE D 195 7.15 3.38 -49.89
N PRO D 196 8.35 2.87 -49.59
CA PRO D 196 9.52 3.22 -50.40
C PRO D 196 9.22 3.08 -51.88
N GLU D 197 9.88 3.91 -52.70
CA GLU D 197 9.51 3.85 -54.11
C GLU D 197 10.20 2.69 -54.85
N ASP D 198 11.20 2.06 -54.24
CA ASP D 198 11.79 0.83 -54.76
C ASP D 198 11.14 -0.44 -54.17
N THR D 199 9.89 -0.36 -53.73
CA THR D 199 9.19 -1.55 -53.24
C THR D 199 9.05 -2.58 -54.36
N PHE D 200 9.55 -3.79 -54.10
CA PHE D 200 9.49 -4.87 -55.07
C PHE D 200 8.05 -5.40 -55.21
N PHE D 201 7.51 -5.33 -56.42
CA PHE D 201 6.27 -5.99 -56.77
C PHE D 201 6.58 -7.03 -57.84
N PRO D 202 6.42 -8.32 -57.56
CA PRO D 202 6.84 -9.35 -58.53
C PRO D 202 6.02 -9.30 -59.81
N SER D 203 6.69 -9.60 -60.92
CA SER D 203 6.08 -9.62 -62.25
C SER D 203 5.51 -11.00 -62.59
N MET E 1 7.40 -24.10 -4.82
CA MET E 1 7.35 -22.76 -4.23
C MET E 1 7.47 -21.61 -5.23
N GLU E 2 6.90 -21.79 -6.42
CA GLU E 2 6.97 -20.69 -7.38
C GLU E 2 5.83 -19.71 -7.11
N ALA E 3 6.20 -18.46 -6.84
CA ALA E 3 5.23 -17.43 -6.50
C ALA E 3 4.31 -17.16 -7.67
N GLN E 4 3.00 -17.12 -7.40
CA GLN E 4 2.05 -16.78 -8.46
C GLN E 4 0.69 -16.49 -7.86
N VAL E 5 -0.05 -15.65 -8.55
CA VAL E 5 -1.44 -15.34 -8.26
C VAL E 5 -2.30 -16.02 -9.33
N THR E 6 -3.35 -16.72 -8.89
CA THR E 6 -4.20 -17.48 -9.81
C THR E 6 -5.58 -16.86 -9.85
N GLN E 7 -6.10 -16.66 -11.05
CA GLN E 7 -7.45 -16.16 -11.21
C GLN E 7 -8.24 -17.22 -11.95
N ASN E 8 -9.48 -17.41 -11.54
CA ASN E 8 -10.37 -18.36 -12.20
C ASN E 8 -11.75 -17.73 -12.21
N PRO E 9 -12.35 -17.51 -13.39
CA PRO E 9 -11.83 -17.92 -14.70
C PRO E 9 -10.94 -16.86 -15.36
N ARG E 10 -10.13 -17.25 -16.34
CA ARG E 10 -9.38 -16.26 -17.10
C ARG E 10 -10.24 -15.61 -18.18
N TYR E 11 -11.27 -16.32 -18.68
CA TYR E 11 -12.22 -15.80 -19.67
C TYR E 11 -13.64 -16.18 -19.29
N LEU E 12 -14.56 -15.22 -19.40
CA LEU E 12 -15.93 -15.54 -19.05
C LEU E 12 -16.89 -14.66 -19.85
N ILE E 13 -17.84 -15.30 -20.53
CA ILE E 13 -18.96 -14.61 -21.17
C ILE E 13 -20.20 -14.96 -20.37
N THR E 14 -20.93 -13.93 -19.94
CA THR E 14 -22.04 -14.17 -19.06
C THR E 14 -23.18 -13.25 -19.44
N VAL E 15 -24.37 -13.62 -19.01
CA VAL E 15 -25.61 -12.88 -19.25
C VAL E 15 -25.89 -11.92 -18.11
N THR E 16 -26.36 -10.72 -18.48
CA THR E 16 -26.70 -9.66 -17.54
C THR E 16 -27.51 -10.19 -16.36
N GLY E 17 -27.12 -9.78 -15.15
CA GLY E 17 -27.94 -10.08 -13.99
C GLY E 17 -27.74 -11.45 -13.36
N LYS E 18 -26.92 -12.31 -13.94
CA LYS E 18 -26.66 -13.61 -13.34
C LYS E 18 -25.44 -13.50 -12.42
N LYS E 19 -25.64 -13.75 -11.13
CA LYS E 19 -24.57 -13.57 -10.15
C LYS E 19 -23.35 -14.39 -10.52
N LEU E 20 -22.16 -13.82 -10.30
CA LEU E 20 -20.93 -14.57 -10.55
C LEU E 20 -19.85 -14.15 -9.58
N THR E 21 -18.86 -15.04 -9.43
CA THR E 21 -17.69 -14.83 -8.57
C THR E 21 -16.43 -15.19 -9.34
N VAL E 22 -15.43 -14.31 -9.28
CA VAL E 22 -14.10 -14.58 -9.83
C VAL E 22 -13.19 -14.86 -8.61
N THR E 23 -12.50 -16.00 -8.62
CA THR E 23 -11.63 -16.31 -7.49
C THR E 23 -10.23 -15.80 -7.76
N CYS E 24 -9.53 -15.49 -6.67
CA CYS E 24 -8.13 -15.07 -6.73
C CYS E 24 -7.43 -15.72 -5.57
N SER E 25 -6.31 -16.38 -5.85
CA SER E 25 -5.64 -16.99 -4.72
C SER E 25 -4.14 -16.92 -4.94
N GLN E 26 -3.42 -17.00 -3.82
CA GLN E 26 -1.97 -17.03 -3.80
C GLN E 26 -1.55 -17.86 -2.61
N ASN E 27 -0.50 -18.66 -2.79
CA ASN E 27 -0.05 -19.52 -1.72
C ASN E 27 1.20 -19.00 -1.04
N MET E 28 1.50 -17.70 -1.16
CA MET E 28 2.71 -17.15 -0.55
C MET E 28 2.46 -16.55 0.84
N ASN E 29 1.28 -16.77 1.41
CA ASN E 29 0.96 -16.20 2.70
C ASN E 29 1.06 -14.67 2.69
N HIS E 30 0.73 -14.06 1.56
CA HIS E 30 0.76 -12.61 1.43
C HIS E 30 -0.38 -11.98 2.21
N GLU E 31 -0.10 -10.86 2.87
CA GLU E 31 -1.13 -10.08 3.55
C GLU E 31 -2.00 -9.27 2.58
N TYR E 32 -1.38 -8.70 1.55
CA TYR E 32 -2.04 -7.68 0.75
C TYR E 32 -2.53 -8.28 -0.56
N MET E 33 -3.83 -8.09 -0.86
CA MET E 33 -4.39 -8.48 -2.15
C MET E 33 -5.32 -7.38 -2.63
N SER E 34 -5.33 -7.13 -3.94
CA SER E 34 -6.13 -6.06 -4.49
C SER E 34 -6.78 -6.47 -5.80
N TRP E 35 -7.98 -5.95 -6.05
CA TRP E 35 -8.66 -6.12 -7.33
C TRP E 35 -8.71 -4.79 -8.09
N TYR E 36 -8.50 -4.89 -9.41
CA TYR E 36 -8.56 -3.75 -10.32
C TYR E 36 -9.34 -4.12 -11.58
N ARG E 37 -9.90 -3.11 -12.24
CA ARG E 37 -10.43 -3.34 -13.59
C ARG E 37 -9.75 -2.39 -14.58
N GLN E 38 -9.42 -2.93 -15.76
CA GLN E 38 -8.81 -2.15 -16.84
C GLN E 38 -9.71 -2.15 -18.07
N ASP E 39 -10.30 -1.02 -18.39
CA ASP E 39 -11.03 -0.81 -19.62
C ASP E 39 -10.06 -0.57 -20.79
N PRO E 40 -10.44 -0.91 -22.02
CA PRO E 40 -9.45 -0.83 -23.12
C PRO E 40 -8.85 0.56 -23.24
N GLY E 41 -7.54 0.60 -23.42
CA GLY E 41 -6.84 1.85 -23.56
C GLY E 41 -6.48 2.57 -22.27
N LEU E 42 -7.05 2.19 -21.13
CA LEU E 42 -6.90 2.95 -19.89
C LEU E 42 -6.04 2.19 -18.88
N GLY E 43 -5.85 2.82 -17.71
CA GLY E 43 -5.11 2.24 -16.61
C GLY E 43 -6.02 1.40 -15.73
N LEU E 44 -5.44 0.88 -14.64
CA LEU E 44 -6.14 -0.01 -13.71
C LEU E 44 -6.89 0.81 -12.68
N ARG E 45 -8.18 0.56 -12.52
CA ARG E 45 -8.98 1.23 -11.51
C ARG E 45 -9.20 0.28 -10.35
N GLN E 46 -8.84 0.72 -9.14
CA GLN E 46 -8.91 -0.17 -7.99
C GLN E 46 -10.36 -0.35 -7.56
N ILE E 47 -10.75 -1.61 -7.29
CA ILE E 47 -12.12 -1.93 -6.94
C ILE E 47 -12.26 -2.09 -5.41
N TYR E 48 -11.53 -3.06 -4.85
CA TYR E 48 -11.44 -3.30 -3.41
C TYR E 48 -10.04 -3.82 -3.14
N TYR E 49 -9.53 -3.59 -1.93
CA TYR E 49 -8.28 -4.21 -1.58
C TYR E 49 -8.35 -4.66 -0.13
N SER E 50 -7.44 -5.56 0.23
CA SER E 50 -7.43 -6.20 1.54
C SER E 50 -6.03 -6.17 2.12
N MET E 51 -5.86 -5.42 3.20
CA MET E 51 -4.54 -5.33 3.83
C MET E 51 -4.16 -6.60 4.57
N ASN E 52 -5.11 -7.46 4.92
CA ASN E 52 -4.86 -8.74 5.63
C ASN E 52 -6.21 -9.43 5.84
N VAL E 53 -6.16 -10.60 6.45
CA VAL E 53 -7.36 -11.40 6.81
C VAL E 53 -8.35 -10.50 7.55
N GLU E 54 -9.55 -10.47 7.01
CA GLU E 54 -10.73 -9.83 7.58
C GLU E 54 -10.64 -8.31 7.53
N VAL E 55 -9.74 -7.78 6.72
CA VAL E 55 -9.61 -6.34 6.49
C VAL E 55 -9.89 -6.08 5.01
N THR E 56 -10.92 -5.30 4.71
CA THR E 56 -11.17 -4.88 3.34
C THR E 56 -11.44 -3.38 3.33
N ASP E 57 -11.12 -2.75 2.19
CA ASP E 57 -11.37 -1.32 1.97
C ASP E 57 -11.78 -1.09 0.52
N LYS E 58 -12.66 -0.12 0.32
CA LYS E 58 -13.09 0.26 -1.02
C LYS E 58 -12.00 0.98 -1.80
N GLY E 59 -11.87 0.64 -3.08
CA GLY E 59 -11.06 1.42 -3.99
C GLY E 59 -11.91 2.52 -4.59
N ASP E 60 -11.53 2.97 -5.79
CA ASP E 60 -12.25 4.03 -6.47
C ASP E 60 -13.57 3.57 -7.08
N VAL E 61 -13.70 2.31 -7.48
CA VAL E 61 -14.93 1.90 -8.18
C VAL E 61 -15.52 0.64 -7.54
N PRO E 62 -16.00 0.72 -6.29
CA PRO E 62 -16.54 -0.47 -5.62
C PRO E 62 -17.96 -0.84 -6.03
N GLU E 63 -18.74 0.08 -6.58
CA GLU E 63 -20.15 -0.18 -6.85
C GLU E 63 -20.35 -1.39 -7.76
N GLY E 64 -21.26 -2.27 -7.35
CA GLY E 64 -21.57 -3.48 -8.09
C GLY E 64 -20.64 -4.64 -7.79
N TYR E 65 -19.73 -4.47 -6.82
CA TYR E 65 -18.76 -5.49 -6.45
C TYR E 65 -18.74 -5.69 -4.93
N LYS E 66 -18.40 -6.90 -4.52
CA LYS E 66 -18.09 -7.19 -3.11
C LYS E 66 -16.94 -8.16 -3.09
N VAL E 67 -16.21 -8.18 -1.96
CA VAL E 67 -15.09 -9.08 -1.76
C VAL E 67 -15.23 -9.69 -0.37
N SER E 68 -14.38 -10.66 -0.07
CA SER E 68 -14.24 -11.09 1.31
C SER E 68 -12.82 -11.57 1.51
N ARG E 69 -12.41 -11.64 2.77
CA ARG E 69 -11.06 -12.09 3.03
C ARG E 69 -11.11 -12.87 4.35
N LYS E 70 -11.63 -14.08 4.25
CA LYS E 70 -11.75 -15.02 5.38
C LYS E 70 -10.40 -15.68 5.70
N GLU E 71 -9.53 -15.79 4.73
CA GLU E 71 -8.20 -16.38 4.97
C GLU E 71 -7.19 -15.73 4.04
N LYS E 72 -5.92 -15.92 4.31
CA LYS E 72 -4.86 -15.23 3.53
C LYS E 72 -4.84 -15.68 2.07
N ARG E 73 -5.23 -16.91 1.80
CA ARG E 73 -5.03 -17.47 0.48
C ARG E 73 -5.97 -16.87 -0.57
N ASN E 74 -7.20 -16.50 -0.20
CA ASN E 74 -8.28 -16.26 -1.14
C ASN E 74 -8.85 -14.84 -1.01
N PHE E 75 -9.15 -14.23 -2.16
CA PHE E 75 -9.73 -12.89 -2.21
C PHE E 75 -10.69 -12.82 -3.37
N PRO E 76 -11.90 -13.34 -3.20
CA PRO E 76 -12.82 -13.44 -4.34
C PRO E 76 -13.50 -12.11 -4.66
N LEU E 77 -13.80 -11.92 -5.94
CA LEU E 77 -14.54 -10.75 -6.42
C LEU E 77 -15.97 -11.20 -6.76
N ILE E 78 -16.96 -10.61 -6.11
CA ILE E 78 -18.33 -11.06 -6.28
C ILE E 78 -19.11 -9.98 -7.04
N LEU E 79 -19.80 -10.40 -8.09
CA LEU E 79 -20.67 -9.49 -8.85
C LEU E 79 -22.11 -9.97 -8.65
N GLU E 80 -22.83 -9.31 -7.74
CA GLU E 80 -24.17 -9.77 -7.36
C GLU E 80 -25.09 -9.79 -8.56
N SER E 81 -25.00 -8.78 -9.42
CA SER E 81 -25.92 -8.65 -10.54
C SER E 81 -25.17 -7.98 -11.70
N PRO E 82 -24.36 -8.75 -12.43
CA PRO E 82 -23.49 -8.16 -13.46
C PRO E 82 -24.26 -7.34 -14.48
N SER E 83 -23.65 -6.25 -14.92
CA SER E 83 -24.26 -5.45 -15.97
C SER E 83 -23.25 -5.21 -17.08
N PRO E 84 -23.73 -4.80 -18.27
CA PRO E 84 -22.82 -4.65 -19.43
C PRO E 84 -21.61 -3.75 -19.16
N ASN E 85 -21.76 -2.68 -18.37
CA ASN E 85 -20.63 -1.81 -18.13
C ASN E 85 -19.64 -2.38 -17.12
N GLN E 86 -19.86 -3.60 -16.62
CA GLN E 86 -18.82 -4.33 -15.91
C GLN E 86 -17.97 -5.21 -16.85
N THR E 87 -18.23 -5.20 -18.15
CA THR E 87 -17.30 -5.77 -19.12
C THR E 87 -15.94 -5.11 -19.00
N SER E 88 -14.89 -5.89 -18.72
CA SER E 88 -13.60 -5.27 -18.46
C SER E 88 -12.58 -6.39 -18.35
N LEU E 89 -11.30 -6.01 -18.24
CA LEU E 89 -10.22 -6.93 -17.90
C LEU E 89 -9.87 -6.77 -16.42
N TYR E 90 -10.02 -7.83 -15.62
CA TYR E 90 -9.87 -7.74 -14.17
C TYR E 90 -8.54 -8.36 -13.74
N PHE E 91 -7.79 -7.62 -12.90
CA PHE E 91 -6.52 -8.08 -12.36
C PHE E 91 -6.60 -8.18 -10.85
N CYS E 92 -6.08 -9.29 -10.31
CA CYS E 92 -5.83 -9.46 -8.89
C CYS E 92 -4.33 -9.38 -8.65
N ALA E 93 -3.92 -8.59 -7.67
CA ALA E 93 -2.51 -8.40 -7.33
C ALA E 93 -2.29 -8.78 -5.87
N SER E 94 -1.07 -9.21 -5.54
CA SER E 94 -0.73 -9.43 -4.14
C SER E 94 0.72 -9.07 -3.87
N SER E 95 0.99 -8.74 -2.61
CA SER E 95 2.33 -8.51 -2.10
C SER E 95 2.38 -8.92 -0.62
N LEU E 96 3.57 -9.31 -0.16
CA LEU E 96 3.76 -9.78 1.21
C LEU E 96 3.17 -8.81 2.24
N VAL E 97 3.36 -7.51 2.03
CA VAL E 97 2.87 -6.51 2.93
C VAL E 97 2.30 -5.39 2.07
N SER E 98 1.41 -4.59 2.67
CA SER E 98 0.71 -3.58 1.89
C SER E 98 1.60 -2.48 1.29
N THR E 99 2.79 -2.22 1.85
CA THR E 99 3.73 -1.23 1.28
C THR E 99 5.07 -1.95 1.16
N PRO E 100 5.30 -2.62 0.04
CA PRO E 100 6.49 -3.47 -0.08
C PRO E 100 7.78 -2.70 0.09
N LEU E 101 8.79 -3.40 0.61
CA LEU E 101 10.17 -2.93 0.61
C LEU E 101 10.69 -2.77 -0.82
N PRO E 102 11.78 -2.02 -1.01
CA PRO E 102 12.34 -1.86 -2.37
C PRO E 102 12.58 -3.18 -3.09
N LYS E 103 13.07 -4.18 -2.41
CA LYS E 103 13.39 -5.43 -3.10
C LYS E 103 12.20 -6.39 -3.22
N GLU E 104 11.04 -6.03 -2.72
CA GLU E 104 9.87 -6.91 -2.76
C GLU E 104 9.02 -6.63 -3.98
N THR E 105 8.34 -7.66 -4.47
CA THR E 105 7.59 -7.63 -5.74
C THR E 105 6.08 -7.51 -5.51
N GLN E 106 5.39 -6.78 -6.40
CA GLN E 106 3.94 -6.85 -6.49
C GLN E 106 3.59 -7.88 -7.56
N TYR E 107 2.88 -8.96 -7.18
CA TYR E 107 2.56 -10.03 -8.12
C TYR E 107 1.19 -9.80 -8.72
N PHE E 108 1.04 -10.10 -10.00
CA PHE E 108 -0.24 -9.98 -10.68
C PHE E 108 -0.73 -11.33 -11.19
N GLY E 109 -2.03 -11.56 -11.09
CA GLY E 109 -2.64 -12.67 -11.76
C GLY E 109 -2.73 -12.38 -13.26
N PRO E 110 -3.12 -13.38 -14.06
CA PRO E 110 -3.04 -13.23 -15.54
C PRO E 110 -4.12 -12.35 -16.12
N GLY E 111 -5.11 -11.95 -15.33
CA GLY E 111 -6.23 -11.20 -15.82
C GLY E 111 -7.43 -12.11 -16.10
N THR E 112 -8.63 -11.54 -15.90
CA THR E 112 -9.90 -12.19 -16.23
C THR E 112 -10.61 -11.29 -17.24
N ARG E 113 -10.84 -11.80 -18.45
CA ARG E 113 -11.64 -11.08 -19.45
C ARG E 113 -13.11 -11.42 -19.18
N LEU E 114 -13.86 -10.46 -18.66
CA LEU E 114 -15.27 -10.65 -18.39
C LEU E 114 -16.06 -9.88 -19.44
N LEU E 115 -17.04 -10.54 -20.04
CA LEU E 115 -17.97 -9.91 -20.98
C LEU E 115 -19.39 -10.22 -20.54
N VAL E 116 -20.16 -9.17 -20.22
CA VAL E 116 -21.54 -9.29 -19.78
C VAL E 116 -22.43 -8.89 -20.96
N LEU E 117 -23.34 -9.77 -21.36
CA LEU E 117 -24.16 -9.56 -22.55
C LEU E 117 -25.62 -9.82 -22.24
N GLU E 118 -26.47 -9.25 -23.06
CA GLU E 118 -27.93 -9.39 -22.99
C GLU E 118 -28.27 -10.85 -23.24
N ASP E 119 -27.61 -11.49 -24.21
CA ASP E 119 -27.75 -12.91 -24.51
C ASP E 119 -26.50 -13.33 -25.27
N LEU E 120 -26.34 -14.63 -25.43
CA LEU E 120 -25.13 -15.22 -25.99
C LEU E 120 -25.25 -15.53 -27.47
N LYS E 121 -26.26 -14.98 -28.15
CA LYS E 121 -26.57 -15.34 -29.53
C LYS E 121 -25.50 -14.91 -30.51
N ASN E 122 -24.67 -13.93 -30.18
CA ASN E 122 -23.66 -13.47 -31.13
C ASN E 122 -22.32 -14.17 -30.99
N VAL E 123 -22.16 -15.10 -30.05
CA VAL E 123 -20.87 -15.76 -29.85
C VAL E 123 -20.59 -16.70 -31.01
N PHE E 124 -19.45 -16.54 -31.68
CA PHE E 124 -19.04 -17.31 -32.87
C PHE E 124 -17.57 -17.69 -32.71
N PRO E 125 -17.21 -18.96 -32.94
CA PRO E 125 -15.79 -19.35 -32.94
C PRO E 125 -15.12 -18.92 -34.23
N PRO E 126 -13.78 -18.92 -34.27
CA PRO E 126 -13.08 -18.52 -35.50
C PRO E 126 -13.09 -19.61 -36.56
N GLU E 127 -12.90 -19.16 -37.80
CA GLU E 127 -12.34 -20.00 -38.85
C GLU E 127 -10.87 -19.63 -39.03
N VAL E 128 -10.04 -20.61 -39.35
CA VAL E 128 -8.59 -20.40 -39.38
C VAL E 128 -8.06 -20.89 -40.72
N ALA E 129 -7.11 -20.14 -41.29
CA ALA E 129 -6.53 -20.57 -42.56
C ALA E 129 -5.06 -20.19 -42.58
N VAL E 130 -4.25 -21.03 -43.22
CA VAL E 130 -2.81 -20.80 -43.34
C VAL E 130 -2.51 -20.53 -44.80
N PHE E 131 -1.77 -19.46 -45.06
CA PHE E 131 -1.46 -19.04 -46.42
C PHE E 131 0.01 -19.32 -46.65
N GLU E 132 0.31 -20.08 -47.71
CA GLU E 132 1.66 -20.56 -47.95
C GLU E 132 2.56 -19.46 -48.52
N PRO E 133 3.87 -19.63 -48.36
CA PRO E 133 4.82 -18.64 -48.83
C PRO E 133 4.75 -18.44 -50.34
N SER E 134 4.95 -17.20 -50.78
CA SER E 134 4.98 -16.95 -52.22
C SER E 134 6.33 -17.34 -52.80
N GLU E 135 6.30 -17.87 -54.03
CA GLU E 135 7.55 -18.26 -54.67
C GLU E 135 8.41 -17.02 -54.92
N ALA E 136 7.80 -15.86 -55.04
CA ALA E 136 8.58 -14.66 -55.26
C ALA E 136 9.37 -14.28 -54.03
N GLU E 137 8.78 -14.42 -52.82
CA GLU E 137 9.61 -14.11 -51.66
C GLU E 137 10.77 -15.09 -51.56
N ILE E 138 10.49 -16.38 -51.81
CA ILE E 138 11.55 -17.40 -51.76
C ILE E 138 12.68 -17.05 -52.74
N SER E 139 12.31 -16.73 -53.98
CA SER E 139 13.29 -16.30 -54.98
C SER E 139 14.03 -15.05 -54.53
N HIS E 140 13.31 -14.06 -54.03
CA HIS E 140 13.92 -12.77 -53.76
C HIS E 140 14.76 -12.77 -52.47
N THR E 141 14.30 -13.49 -51.43
CA THR E 141 14.96 -13.39 -50.14
C THR E 141 15.58 -14.67 -49.63
N GLN E 142 15.30 -15.82 -50.24
CA GLN E 142 15.63 -17.12 -49.64
C GLN E 142 15.01 -17.28 -48.24
N LYS E 143 13.91 -16.59 -47.96
CA LYS E 143 13.10 -16.82 -46.77
C LYS E 143 11.65 -17.04 -47.23
N ALA E 144 10.84 -17.62 -46.34
CA ALA E 144 9.45 -17.96 -46.66
C ALA E 144 8.57 -17.60 -45.46
N THR E 145 7.61 -16.71 -45.68
CA THR E 145 6.71 -16.23 -44.64
C THR E 145 5.37 -16.94 -44.79
N LEU E 146 4.94 -17.63 -43.73
CA LEU E 146 3.58 -18.13 -43.67
C LEU E 146 2.71 -17.14 -42.90
N VAL E 147 1.45 -17.06 -43.29
CA VAL E 147 0.51 -16.17 -42.63
C VAL E 147 -0.67 -17.00 -42.16
N CYS E 148 -1.07 -16.77 -40.92
CA CYS E 148 -2.26 -17.38 -40.35
C CYS E 148 -3.32 -16.30 -40.21
N LEU E 149 -4.57 -16.64 -40.55
CA LEU E 149 -5.70 -15.72 -40.43
C LEU E 149 -6.82 -16.39 -39.64
N ALA E 150 -7.22 -15.77 -38.53
CA ALA E 150 -8.41 -16.22 -37.82
C ALA E 150 -9.50 -15.19 -38.08
N THR E 151 -10.69 -15.66 -38.46
CA THR E 151 -11.71 -14.72 -38.88
C THR E 151 -13.06 -15.09 -38.29
N GLY E 152 -13.95 -14.10 -38.25
CA GLY E 152 -15.34 -14.36 -37.99
C GLY E 152 -15.66 -14.71 -36.55
N PHE E 153 -14.77 -14.42 -35.60
CA PHE E 153 -15.03 -14.84 -34.23
C PHE E 153 -15.52 -13.67 -33.38
N TYR E 154 -16.32 -14.00 -32.36
CA TYR E 154 -16.83 -13.07 -31.36
C TYR E 154 -17.04 -13.84 -30.06
N PRO E 155 -16.58 -13.31 -28.93
CA PRO E 155 -15.84 -12.06 -28.82
C PRO E 155 -14.37 -12.32 -29.12
N ASP E 156 -13.51 -11.35 -28.87
CA ASP E 156 -12.10 -11.52 -29.21
C ASP E 156 -11.32 -12.23 -28.11
N HIS E 157 -11.86 -13.36 -27.60
CA HIS E 157 -11.20 -14.14 -26.55
C HIS E 157 -10.48 -15.30 -27.23
N VAL E 158 -9.26 -15.06 -27.72
CA VAL E 158 -8.54 -16.03 -28.52
C VAL E 158 -7.06 -15.97 -28.17
N GLU E 159 -6.38 -17.09 -28.35
CA GLU E 159 -4.93 -17.16 -28.28
C GLU E 159 -4.46 -17.95 -29.49
N LEU E 160 -3.52 -17.40 -30.22
CA LEU E 160 -3.03 -18.03 -31.43
C LEU E 160 -1.61 -18.51 -31.19
N SER E 161 -1.27 -19.72 -31.65
CA SER E 161 0.09 -20.22 -31.51
C SER E 161 0.48 -20.98 -32.78
N TRP E 162 1.80 -21.05 -33.02
CA TRP E 162 2.36 -21.83 -34.12
C TRP E 162 3.06 -23.09 -33.64
N TRP E 163 2.90 -24.17 -34.39
CA TRP E 163 3.43 -25.47 -34.05
C TRP E 163 4.12 -26.01 -35.28
N VAL E 164 5.43 -26.22 -35.19
CA VAL E 164 6.25 -26.72 -36.28
C VAL E 164 6.73 -28.11 -35.88
N ASN E 165 6.44 -29.10 -36.69
CA ASN E 165 6.85 -30.48 -36.39
C ASN E 165 6.42 -30.90 -34.98
N GLY E 166 5.29 -30.37 -34.52
CA GLY E 166 4.69 -30.74 -33.25
C GLY E 166 5.13 -29.92 -32.05
N LYS E 167 6.05 -28.97 -32.21
CA LYS E 167 6.56 -28.18 -31.11
C LYS E 167 6.16 -26.71 -31.29
N GLU E 168 5.71 -26.09 -30.21
CA GLU E 168 5.33 -24.68 -30.31
C GLU E 168 6.57 -23.85 -30.65
N VAL E 169 6.41 -22.85 -31.51
CA VAL E 169 7.55 -22.00 -31.82
C VAL E 169 7.21 -20.55 -31.51
N HIS E 170 8.24 -19.79 -31.11
CA HIS E 170 8.17 -18.34 -31.01
C HIS E 170 9.21 -17.61 -31.85
N SER E 171 10.36 -18.21 -32.13
CA SER E 171 11.30 -17.61 -33.05
C SER E 171 10.65 -17.43 -34.41
N GLY E 172 10.78 -16.24 -35.01
CA GLY E 172 10.28 -16.01 -36.34
C GLY E 172 8.79 -15.75 -36.43
N VAL E 173 8.13 -15.56 -35.29
CA VAL E 173 6.69 -15.31 -35.23
C VAL E 173 6.45 -13.87 -34.88
N CYS E 174 5.43 -13.27 -35.49
CA CYS E 174 4.84 -12.03 -35.02
C CYS E 174 3.34 -12.12 -35.19
N THR E 175 2.57 -11.88 -34.12
CA THR E 175 1.12 -11.94 -34.15
C THR E 175 0.58 -10.55 -33.86
N ASP E 176 -0.51 -10.14 -34.52
CA ASP E 176 -1.07 -8.82 -34.23
C ASP E 176 -1.34 -8.69 -32.72
N PRO E 177 -1.00 -7.56 -32.10
CA PRO E 177 -1.25 -7.42 -30.65
C PRO E 177 -2.74 -7.35 -30.29
N GLN E 178 -3.62 -6.99 -31.23
CA GLN E 178 -5.08 -7.01 -31.00
C GLN E 178 -5.86 -7.40 -32.26
N PRO E 179 -6.93 -8.16 -32.13
CA PRO E 179 -7.76 -8.47 -33.30
C PRO E 179 -8.44 -7.22 -33.81
N LEU E 180 -8.74 -7.19 -35.10
CA LEU E 180 -9.45 -6.04 -35.65
C LEU E 180 -10.91 -6.39 -35.93
N LYS E 181 -11.76 -5.37 -35.92
CA LYS E 181 -13.18 -5.59 -36.12
C LYS E 181 -13.44 -5.76 -37.61
N GLU E 182 -14.22 -6.78 -37.95
CA GLU E 182 -14.59 -6.98 -39.34
C GLU E 182 -15.66 -5.97 -39.79
N GLN E 183 -16.46 -5.46 -38.85
CA GLN E 183 -17.45 -4.41 -39.14
C GLN E 183 -17.34 -3.35 -38.07
N PRO E 184 -16.38 -2.42 -38.20
CA PRO E 184 -16.09 -1.47 -37.12
C PRO E 184 -17.27 -0.61 -36.72
N ALA E 185 -18.32 -0.54 -37.51
CA ALA E 185 -19.45 0.29 -37.16
C ALA E 185 -20.41 -0.40 -36.22
N LEU E 186 -20.32 -1.73 -36.10
CA LEU E 186 -21.21 -2.51 -35.25
C LEU E 186 -20.58 -2.76 -33.88
N ASN E 187 -21.38 -2.60 -32.83
CA ASN E 187 -20.84 -2.86 -31.50
C ASN E 187 -20.56 -4.33 -31.30
N ASP E 188 -21.32 -5.22 -31.94
CA ASP E 188 -21.08 -6.65 -31.89
C ASP E 188 -20.37 -7.18 -33.14
N SER E 189 -19.50 -6.36 -33.72
CA SER E 189 -18.69 -6.81 -34.83
C SER E 189 -17.89 -8.04 -34.45
N ARG E 190 -17.89 -9.01 -35.33
CA ARG E 190 -16.90 -10.08 -35.24
C ARG E 190 -15.50 -9.53 -35.51
N TYR E 191 -14.50 -10.37 -35.25
CA TYR E 191 -13.11 -9.99 -35.26
C TYR E 191 -12.32 -10.86 -36.22
N ALA E 192 -11.11 -10.41 -36.53
CA ALA E 192 -10.13 -11.18 -37.29
C ALA E 192 -8.76 -10.92 -36.69
N LEU E 193 -7.86 -11.89 -36.83
CA LEU E 193 -6.51 -11.83 -36.27
C LEU E 193 -5.55 -12.49 -37.26
N SER E 194 -4.38 -11.87 -37.47
CA SER E 194 -3.37 -12.43 -38.37
C SER E 194 -2.06 -12.65 -37.63
N SER E 195 -1.29 -13.60 -38.15
CA SER E 195 0.02 -13.94 -37.61
C SER E 195 0.95 -14.37 -38.71
N ARG E 196 2.24 -14.06 -38.54
CA ARG E 196 3.26 -14.52 -39.48
C ARG E 196 4.27 -15.41 -38.79
N LEU E 197 4.73 -16.42 -39.53
CA LEU E 197 5.84 -17.26 -39.14
C LEU E 197 6.78 -17.25 -40.32
N ARG E 198 8.04 -16.89 -40.09
CA ARG E 198 8.97 -16.87 -41.20
C ARG E 198 10.08 -17.87 -40.95
N VAL E 199 10.39 -18.67 -41.98
CA VAL E 199 11.45 -19.66 -41.92
C VAL E 199 12.34 -19.47 -43.12
N SER E 200 13.47 -20.18 -43.12
CA SER E 200 14.35 -20.16 -44.27
C SER E 200 13.69 -20.90 -45.43
N ALA E 201 14.07 -20.54 -46.67
CA ALA E 201 13.46 -21.19 -47.82
C ALA E 201 13.74 -22.68 -47.80
N THR E 202 14.96 -23.08 -47.37
CA THR E 202 15.29 -24.51 -47.32
C THR E 202 14.43 -25.23 -46.31
N PHE E 203 14.12 -24.58 -45.17
CA PHE E 203 13.21 -25.23 -44.23
C PHE E 203 11.82 -25.39 -44.86
N TRP E 204 11.32 -24.37 -45.53
CA TRP E 204 10.04 -24.51 -46.20
C TRP E 204 10.07 -25.58 -47.29
N GLN E 205 11.24 -25.85 -47.87
CA GLN E 205 11.29 -26.72 -49.04
C GLN E 205 11.42 -28.19 -48.68
N ASN E 206 11.56 -28.51 -47.39
CA ASN E 206 11.56 -29.88 -46.90
C ASN E 206 10.13 -30.36 -46.70
N PRO E 207 9.65 -31.32 -47.51
CA PRO E 207 8.25 -31.76 -47.36
C PRO E 207 7.99 -32.55 -46.09
N ARG E 208 9.02 -32.93 -45.32
CA ARG E 208 8.78 -33.56 -44.03
C ARG E 208 8.44 -32.54 -42.94
N ASN E 209 8.56 -31.25 -43.22
CA ASN E 209 8.24 -30.25 -42.20
C ASN E 209 6.77 -29.94 -42.22
N HIS E 210 6.18 -29.89 -41.03
CA HIS E 210 4.75 -29.72 -40.81
C HIS E 210 4.51 -28.41 -40.06
N PHE E 211 3.56 -27.60 -40.54
CA PHE E 211 3.26 -26.30 -39.97
C PHE E 211 1.81 -26.28 -39.53
N ARG E 212 1.54 -25.84 -38.31
CA ARG E 212 0.15 -25.75 -37.86
C ARG E 212 -0.03 -24.43 -37.13
N CYS E 213 -1.05 -23.69 -37.53
CA CYS E 213 -1.52 -22.51 -36.82
C CYS E 213 -2.73 -22.92 -35.99
N GLN E 214 -2.68 -22.65 -34.69
CA GLN E 214 -3.70 -23.09 -33.73
C GLN E 214 -4.34 -21.87 -33.10
N VAL E 215 -5.66 -21.82 -33.08
CA VAL E 215 -6.37 -20.79 -32.34
C VAL E 215 -7.21 -21.46 -31.24
N GLN E 216 -6.86 -21.19 -29.99
CA GLN E 216 -7.73 -21.50 -28.85
C GLN E 216 -8.78 -20.42 -28.72
N PHE E 217 -10.04 -20.82 -28.85
CA PHE E 217 -11.16 -19.91 -28.69
C PHE E 217 -11.80 -20.21 -27.35
N TYR E 218 -12.04 -19.17 -26.57
CA TYR E 218 -12.69 -19.28 -25.26
C TYR E 218 -14.14 -18.84 -25.44
N GLY E 219 -15.06 -19.79 -25.39
CA GLY E 219 -16.45 -19.48 -25.67
C GLY E 219 -17.36 -20.00 -24.58
N LEU E 220 -18.50 -20.55 -24.97
CA LEU E 220 -19.47 -21.00 -23.96
C LEU E 220 -18.97 -22.27 -23.27
N SER E 221 -19.59 -22.56 -22.16
CA SER E 221 -19.27 -23.80 -21.48
C SER E 221 -20.38 -24.81 -21.75
N GLU E 222 -20.10 -26.07 -21.38
CA GLU E 222 -21.09 -27.11 -21.51
C GLU E 222 -22.42 -26.72 -20.86
N ASN E 223 -22.38 -26.02 -19.73
CA ASN E 223 -23.62 -25.79 -19.02
C ASN E 223 -24.32 -24.49 -19.42
N ASP E 224 -23.77 -23.74 -20.36
CA ASP E 224 -24.50 -22.60 -20.91
C ASP E 224 -25.70 -23.07 -21.74
N GLU E 225 -26.81 -22.35 -21.61
CA GLU E 225 -27.97 -22.61 -22.45
C GLU E 225 -27.68 -22.24 -23.89
N TRP E 226 -28.20 -23.04 -24.82
CA TRP E 226 -28.08 -22.77 -26.25
C TRP E 226 -29.29 -23.36 -26.97
N THR E 227 -30.03 -22.51 -27.70
CA THR E 227 -31.21 -22.95 -28.44
C THR E 227 -31.12 -22.73 -29.93
N GLN E 228 -30.11 -22.01 -30.43
CA GLN E 228 -30.04 -21.78 -31.85
C GLN E 228 -29.70 -23.06 -32.60
N ASP E 229 -30.07 -23.08 -33.88
CA ASP E 229 -29.79 -24.21 -34.75
C ASP E 229 -28.29 -24.47 -34.89
N ARG E 230 -27.50 -23.42 -35.09
CA ARG E 230 -26.10 -23.66 -35.38
C ARG E 230 -25.39 -24.26 -34.16
N ALA E 231 -24.22 -24.84 -34.41
CA ALA E 231 -23.47 -25.51 -33.37
C ALA E 231 -23.22 -24.58 -32.18
N LYS E 232 -23.36 -25.09 -30.97
CA LYS E 232 -23.13 -24.29 -29.78
C LYS E 232 -21.66 -23.82 -29.75
N PRO E 233 -21.40 -22.52 -29.72
CA PRO E 233 -19.98 -22.00 -29.83
C PRO E 233 -19.22 -22.12 -28.52
N VAL E 234 -18.94 -23.36 -28.12
CA VAL E 234 -18.17 -23.66 -26.93
C VAL E 234 -16.69 -23.29 -27.09
N THR E 235 -16.01 -23.20 -25.97
CA THR E 235 -14.56 -23.20 -25.94
C THR E 235 -14.01 -24.38 -26.75
N GLN E 236 -13.05 -24.08 -27.63
CA GLN E 236 -12.62 -25.07 -28.61
C GLN E 236 -11.36 -24.56 -29.29
N ILE E 237 -10.63 -25.48 -29.88
CA ILE E 237 -9.49 -25.18 -30.73
C ILE E 237 -9.88 -25.31 -32.18
N VAL E 238 -9.35 -24.41 -33.01
CA VAL E 238 -9.51 -24.41 -34.46
C VAL E 238 -8.11 -24.19 -35.05
N SER E 239 -7.72 -25.08 -35.96
CA SER E 239 -6.38 -25.15 -36.50
C SER E 239 -6.47 -25.19 -38.01
N ALA E 240 -5.40 -24.77 -38.66
CA ALA E 240 -5.16 -25.05 -40.06
C ALA E 240 -3.68 -25.37 -40.19
N GLU E 241 -3.32 -26.12 -41.22
CA GLU E 241 -1.97 -26.60 -41.32
C GLU E 241 -1.48 -26.55 -42.77
N ALA E 242 -0.16 -26.71 -42.92
CA ALA E 242 0.47 -26.81 -44.23
C ALA E 242 1.70 -27.70 -44.10
N TRP E 243 2.07 -28.36 -45.19
CA TRP E 243 3.33 -29.07 -45.26
C TRP E 243 4.33 -28.33 -46.14
N GLY E 244 5.62 -28.54 -45.87
CA GLY E 244 6.64 -28.01 -46.75
C GLY E 244 6.54 -28.65 -48.12
N ARG E 245 7.14 -27.99 -49.11
CA ARG E 245 6.95 -28.41 -50.50
C ARG E 245 8.25 -28.22 -51.25
N ALA E 246 8.75 -29.30 -51.82
CA ALA E 246 9.98 -29.25 -52.61
C ALA E 246 9.85 -28.24 -53.74
N ASP E 247 10.97 -27.57 -54.03
CA ASP E 247 11.03 -26.58 -55.09
C ASP E 247 10.61 -27.24 -56.39
#